data_4HN7
# 
_entry.id   4HN7 
# 
_audit_conform.dict_name       mmcif_pdbx.dic 
_audit_conform.dict_version    5.397 
_audit_conform.dict_location   http://mmcif.pdb.org/dictionaries/ascii/mmcif_pdbx.dic 
# 
loop_
_database_2.database_id 
_database_2.database_code 
_database_2.pdbx_database_accession 
_database_2.pdbx_DOI 
PDB   4HN7         pdb_00004hn7 10.2210/pdb4hn7/pdb 
RCSB  RCSB075675   ?            ?                   
WWPDB D_1000075675 ?            ?                   
# 
loop_
_pdbx_audit_revision_history.ordinal 
_pdbx_audit_revision_history.data_content_type 
_pdbx_audit_revision_history.major_revision 
_pdbx_audit_revision_history.minor_revision 
_pdbx_audit_revision_history.revision_date 
1 'Structure model' 1 0 2013-10-23 
2 'Structure model' 1 1 2023-09-20 
3 'Structure model' 1 2 2024-10-09 
# 
_pdbx_audit_revision_details.ordinal             1 
_pdbx_audit_revision_details.revision_ordinal    1 
_pdbx_audit_revision_details.data_content_type   'Structure model' 
_pdbx_audit_revision_details.provider            repository 
_pdbx_audit_revision_details.type                'Initial release' 
_pdbx_audit_revision_details.description         ? 
_pdbx_audit_revision_details.details             ? 
# 
loop_
_pdbx_audit_revision_group.ordinal 
_pdbx_audit_revision_group.revision_ordinal 
_pdbx_audit_revision_group.data_content_type 
_pdbx_audit_revision_group.group 
1 2 'Structure model' 'Data collection'        
2 2 'Structure model' 'Database references'    
3 2 'Structure model' 'Refinement description' 
4 3 'Structure model' 'Structure summary'      
# 
loop_
_pdbx_audit_revision_category.ordinal 
_pdbx_audit_revision_category.revision_ordinal 
_pdbx_audit_revision_category.data_content_type 
_pdbx_audit_revision_category.category 
1 2 'Structure model' chem_comp_atom                
2 2 'Structure model' chem_comp_bond                
3 2 'Structure model' database_2                    
4 2 'Structure model' pdbx_initial_refinement_model 
5 3 'Structure model' pdbx_entry_details            
6 3 'Structure model' pdbx_modification_feature     
# 
loop_
_pdbx_audit_revision_item.ordinal 
_pdbx_audit_revision_item.revision_ordinal 
_pdbx_audit_revision_item.data_content_type 
_pdbx_audit_revision_item.item 
1 2 'Structure model' '_database_2.pdbx_DOI'                
2 2 'Structure model' '_database_2.pdbx_database_accession' 
# 
_pdbx_database_status.status_code                     REL 
_pdbx_database_status.entry_id                        4HN7 
_pdbx_database_status.recvd_initial_deposition_date   2012-10-19 
_pdbx_database_status.deposit_site                    RCSB 
_pdbx_database_status.process_site                    RCSB 
_pdbx_database_status.status_code_sf                  REL 
_pdbx_database_status.status_code_mr                  ? 
_pdbx_database_status.SG_entry                        ? 
_pdbx_database_status.status_code_cs                  ? 
_pdbx_database_status.methods_development_category    ? 
_pdbx_database_status.pdb_format_compatible           Y 
_pdbx_database_status.status_code_nmr_data            ? 
# 
loop_
_audit_author.name 
_audit_author.pdbx_ordinal 
'Jeong, E.' 1 
'Jung, H.'  2 
'Ban, C.'   3 
# 
_citation.id                        primary 
_citation.title                     'Crystal structure of E. coli PmrD' 
_citation.journal_abbrev            'To be Published' 
_citation.journal_volume            ? 
_citation.page_first                ? 
_citation.page_last                 ? 
_citation.year                      ? 
_citation.journal_id_ASTM           ? 
_citation.country                   ? 
_citation.journal_id_ISSN           ? 
_citation.journal_id_CSD            0353 
_citation.book_publisher            ? 
_citation.pdbx_database_id_PubMed   ? 
_citation.pdbx_database_id_DOI      ? 
# 
loop_
_citation_author.citation_id 
_citation_author.name 
_citation_author.ordinal 
_citation_author.identifier_ORCID 
primary 'Jeong, E.' 1 ? 
primary 'Jung, H.'  2 ? 
primary 'Ban, C.'   3 ? 
# 
loop_
_entity.id 
_entity.type 
_entity.src_method 
_entity.pdbx_description 
_entity.formula_weight 
_entity.pdbx_number_of_molecules 
_entity.pdbx_ec 
_entity.pdbx_mutation 
_entity.pdbx_fragment 
_entity.details 
1 polymer man 'Signal transduction protein pmrD' 9885.536 1 ? ? ? ? 
2 water   nat water                              18.015   7 ? ? ? ? 
# 
_entity_name_com.entity_id   1 
_entity_name_com.name        'BasR post-transcriptional activator, Polymyxin resistance protein pmrD' 
# 
_entity_poly.entity_id                      1 
_entity_poly.type                           'polypeptide(L)' 
_entity_poly.nstd_linkage                   no 
_entity_poly.nstd_monomer                   no 
_entity_poly.pdbx_seq_one_letter_code       
;MEWLVKKSCCNKQDNRHVLMLCDAGGAIKMIAEVKSDFAVKVGDLLSPLQNALYCINREKLHTVKVLSASSYSPDEWERQ
CKVAGKTQ
;
_entity_poly.pdbx_seq_one_letter_code_can   
;MEWLVKKSCCNKQDNRHVLMLCDAGGAIKMIAEVKSDFAVKVGDLLSPLQNALYCINREKLHTVKVLSASSYSPDEWERQ
CKVAGKTQ
;
_entity_poly.pdbx_strand_id                 A 
_entity_poly.pdbx_target_identifier         ? 
# 
_pdbx_entity_nonpoly.entity_id   2 
_pdbx_entity_nonpoly.name        water 
_pdbx_entity_nonpoly.comp_id     HOH 
# 
loop_
_entity_poly_seq.entity_id 
_entity_poly_seq.num 
_entity_poly_seq.mon_id 
_entity_poly_seq.hetero 
1 1  MET n 
1 2  GLU n 
1 3  TRP n 
1 4  LEU n 
1 5  VAL n 
1 6  LYS n 
1 7  LYS n 
1 8  SER n 
1 9  CYS n 
1 10 CYS n 
1 11 ASN n 
1 12 LYS n 
1 13 GLN n 
1 14 ASP n 
1 15 ASN n 
1 16 ARG n 
1 17 HIS n 
1 18 VAL n 
1 19 LEU n 
1 20 MET n 
1 21 LEU n 
1 22 CYS n 
1 23 ASP n 
1 24 ALA n 
1 25 GLY n 
1 26 GLY n 
1 27 ALA n 
1 28 ILE n 
1 29 LYS n 
1 30 MET n 
1 31 ILE n 
1 32 ALA n 
1 33 GLU n 
1 34 VAL n 
1 35 LYS n 
1 36 SER n 
1 37 ASP n 
1 38 PHE n 
1 39 ALA n 
1 40 VAL n 
1 41 LYS n 
1 42 VAL n 
1 43 GLY n 
1 44 ASP n 
1 45 LEU n 
1 46 LEU n 
1 47 SER n 
1 48 PRO n 
1 49 LEU n 
1 50 GLN n 
1 51 ASN n 
1 52 ALA n 
1 53 LEU n 
1 54 TYR n 
1 55 CYS n 
1 56 ILE n 
1 57 ASN n 
1 58 ARG n 
1 59 GLU n 
1 60 LYS n 
1 61 LEU n 
1 62 HIS n 
1 63 THR n 
1 64 VAL n 
1 65 LYS n 
1 66 VAL n 
1 67 LEU n 
1 68 SER n 
1 69 ALA n 
1 70 SER n 
1 71 SER n 
1 72 TYR n 
1 73 SER n 
1 74 PRO n 
1 75 ASP n 
1 76 GLU n 
1 77 TRP n 
1 78 GLU n 
1 79 ARG n 
1 80 GLN n 
1 81 CYS n 
1 82 LYS n 
1 83 VAL n 
1 84 ALA n 
1 85 GLY n 
1 86 LYS n 
1 87 THR n 
1 88 GLN n 
# 
_entity_src_gen.entity_id                          1 
_entity_src_gen.pdbx_src_id                        1 
_entity_src_gen.pdbx_alt_source_flag               sample 
_entity_src_gen.pdbx_seq_type                      ? 
_entity_src_gen.pdbx_beg_seq_num                   ? 
_entity_src_gen.pdbx_end_seq_num                   ? 
_entity_src_gen.gene_src_common_name               ? 
_entity_src_gen.gene_src_genus                     ? 
_entity_src_gen.pdbx_gene_src_gene                 'b2259, JW2254, pmrD' 
_entity_src_gen.gene_src_species                   ? 
_entity_src_gen.gene_src_strain                    K12 
_entity_src_gen.gene_src_tissue                    ? 
_entity_src_gen.gene_src_tissue_fraction           ? 
_entity_src_gen.gene_src_details                   ? 
_entity_src_gen.pdbx_gene_src_fragment             ? 
_entity_src_gen.pdbx_gene_src_scientific_name      'Escherichia coli' 
_entity_src_gen.pdbx_gene_src_ncbi_taxonomy_id     83333 
_entity_src_gen.pdbx_gene_src_variant              ? 
_entity_src_gen.pdbx_gene_src_cell_line            ? 
_entity_src_gen.pdbx_gene_src_atcc                 ? 
_entity_src_gen.pdbx_gene_src_organ                ? 
_entity_src_gen.pdbx_gene_src_organelle            ? 
_entity_src_gen.pdbx_gene_src_cell                 ? 
_entity_src_gen.pdbx_gene_src_cellular_location    ? 
_entity_src_gen.host_org_common_name               ? 
_entity_src_gen.pdbx_host_org_scientific_name      'Escherichia coli' 
_entity_src_gen.pdbx_host_org_ncbi_taxonomy_id     469008 
_entity_src_gen.host_org_genus                     ? 
_entity_src_gen.pdbx_host_org_gene                 ? 
_entity_src_gen.pdbx_host_org_organ                ? 
_entity_src_gen.host_org_species                   ? 
_entity_src_gen.pdbx_host_org_tissue               ? 
_entity_src_gen.pdbx_host_org_tissue_fraction      ? 
_entity_src_gen.pdbx_host_org_strain               'BL21(DE3)' 
_entity_src_gen.pdbx_host_org_variant              ? 
_entity_src_gen.pdbx_host_org_cell_line            ? 
_entity_src_gen.pdbx_host_org_atcc                 ? 
_entity_src_gen.pdbx_host_org_culture_collection   ? 
_entity_src_gen.pdbx_host_org_cell                 ? 
_entity_src_gen.pdbx_host_org_organelle            ? 
_entity_src_gen.pdbx_host_org_cellular_location    ? 
_entity_src_gen.pdbx_host_org_vector_type          Plasmid 
_entity_src_gen.pdbx_host_org_vector               ? 
_entity_src_gen.host_org_details                   ? 
_entity_src_gen.expression_system_id               ? 
_entity_src_gen.plasmid_name                       pET15b 
_entity_src_gen.plasmid_details                    ? 
_entity_src_gen.pdbx_description                   ? 
# 
loop_
_chem_comp.id 
_chem_comp.type 
_chem_comp.mon_nstd_flag 
_chem_comp.name 
_chem_comp.pdbx_synonyms 
_chem_comp.formula 
_chem_comp.formula_weight 
ALA 'L-peptide linking' y ALANINE         ? 'C3 H7 N O2'     89.093  
ARG 'L-peptide linking' y ARGININE        ? 'C6 H15 N4 O2 1' 175.209 
ASN 'L-peptide linking' y ASPARAGINE      ? 'C4 H8 N2 O3'    132.118 
ASP 'L-peptide linking' y 'ASPARTIC ACID' ? 'C4 H7 N O4'     133.103 
CYS 'L-peptide linking' y CYSTEINE        ? 'C3 H7 N O2 S'   121.158 
GLN 'L-peptide linking' y GLUTAMINE       ? 'C5 H10 N2 O3'   146.144 
GLU 'L-peptide linking' y 'GLUTAMIC ACID' ? 'C5 H9 N O4'     147.129 
GLY 'peptide linking'   y GLYCINE         ? 'C2 H5 N O2'     75.067  
HIS 'L-peptide linking' y HISTIDINE       ? 'C6 H10 N3 O2 1' 156.162 
HOH non-polymer         . WATER           ? 'H2 O'           18.015  
ILE 'L-peptide linking' y ISOLEUCINE      ? 'C6 H13 N O2'    131.173 
LEU 'L-peptide linking' y LEUCINE         ? 'C6 H13 N O2'    131.173 
LYS 'L-peptide linking' y LYSINE          ? 'C6 H15 N2 O2 1' 147.195 
MET 'L-peptide linking' y METHIONINE      ? 'C5 H11 N O2 S'  149.211 
PHE 'L-peptide linking' y PHENYLALANINE   ? 'C9 H11 N O2'    165.189 
PRO 'L-peptide linking' y PROLINE         ? 'C5 H9 N O2'     115.130 
SER 'L-peptide linking' y SERINE          ? 'C3 H7 N O3'     105.093 
THR 'L-peptide linking' y THREONINE       ? 'C4 H9 N O3'     119.119 
TRP 'L-peptide linking' y TRYPTOPHAN      ? 'C11 H12 N2 O2'  204.225 
TYR 'L-peptide linking' y TYROSINE        ? 'C9 H11 N O3'    181.189 
VAL 'L-peptide linking' y VALINE          ? 'C5 H11 N O2'    117.146 
# 
loop_
_pdbx_poly_seq_scheme.asym_id 
_pdbx_poly_seq_scheme.entity_id 
_pdbx_poly_seq_scheme.seq_id 
_pdbx_poly_seq_scheme.mon_id 
_pdbx_poly_seq_scheme.ndb_seq_num 
_pdbx_poly_seq_scheme.pdb_seq_num 
_pdbx_poly_seq_scheme.auth_seq_num 
_pdbx_poly_seq_scheme.pdb_mon_id 
_pdbx_poly_seq_scheme.auth_mon_id 
_pdbx_poly_seq_scheme.pdb_strand_id 
_pdbx_poly_seq_scheme.pdb_ins_code 
_pdbx_poly_seq_scheme.hetero 
A 1 1  MET 1  1  1  MET MET A . n 
A 1 2  GLU 2  2  2  GLU GLU A . n 
A 1 3  TRP 3  3  3  TRP TRP A . n 
A 1 4  LEU 4  4  4  LEU LEU A . n 
A 1 5  VAL 5  5  5  VAL VAL A . n 
A 1 6  LYS 6  6  6  LYS LYS A . n 
A 1 7  LYS 7  7  7  LYS LYS A . n 
A 1 8  SER 8  8  8  SER SER A . n 
A 1 9  CYS 9  9  9  CYS CYS A . n 
A 1 10 CYS 10 10 10 CYS CYS A . n 
A 1 11 ASN 11 11 11 ASN ASN A . n 
A 1 12 LYS 12 12 12 LYS LYS A . n 
A 1 13 GLN 13 13 13 GLN GLN A . n 
A 1 14 ASP 14 14 14 ASP ASP A . n 
A 1 15 ASN 15 15 15 ASN ASN A . n 
A 1 16 ARG 16 16 16 ARG ARG A . n 
A 1 17 HIS 17 17 17 HIS HIS A . n 
A 1 18 VAL 18 18 18 VAL VAL A . n 
A 1 19 LEU 19 19 19 LEU LEU A . n 
A 1 20 MET 20 20 20 MET MET A . n 
A 1 21 LEU 21 21 21 LEU LEU A . n 
A 1 22 CYS 22 22 22 CYS CYS A . n 
A 1 23 ASP 23 23 23 ASP ASP A . n 
A 1 24 ALA 24 24 24 ALA ALA A . n 
A 1 25 GLY 25 25 25 GLY GLY A . n 
A 1 26 GLY 26 26 26 GLY GLY A . n 
A 1 27 ALA 27 27 27 ALA ALA A . n 
A 1 28 ILE 28 28 28 ILE ILE A . n 
A 1 29 LYS 29 29 29 LYS LYS A . n 
A 1 30 MET 30 30 30 MET MET A . n 
A 1 31 ILE 31 31 31 ILE ILE A . n 
A 1 32 ALA 32 32 32 ALA ALA A . n 
A 1 33 GLU 33 33 33 GLU GLU A . n 
A 1 34 VAL 34 34 34 VAL VAL A . n 
A 1 35 LYS 35 35 35 LYS LYS A . n 
A 1 36 SER 36 36 36 SER SER A . n 
A 1 37 ASP 37 37 37 ASP ASP A . n 
A 1 38 PHE 38 38 38 PHE PHE A . n 
A 1 39 ALA 39 39 39 ALA ALA A . n 
A 1 40 VAL 40 40 40 VAL VAL A . n 
A 1 41 LYS 41 41 41 LYS LYS A . n 
A 1 42 VAL 42 42 42 VAL VAL A . n 
A 1 43 GLY 43 43 43 GLY GLY A . n 
A 1 44 ASP 44 44 44 ASP ASP A . n 
A 1 45 LEU 45 45 45 LEU LEU A . n 
A 1 46 LEU 46 46 46 LEU LEU A . n 
A 1 47 SER 47 47 47 SER SER A . n 
A 1 48 PRO 48 48 48 PRO PRO A . n 
A 1 49 LEU 49 49 49 LEU LEU A . n 
A 1 50 GLN 50 50 50 GLN GLN A . n 
A 1 51 ASN 51 51 51 ASN ASN A . n 
A 1 52 ALA 52 52 52 ALA ALA A . n 
A 1 53 LEU 53 53 53 LEU LEU A . n 
A 1 54 TYR 54 54 54 TYR TYR A . n 
A 1 55 CYS 55 55 55 CYS CYS A . n 
A 1 56 ILE 56 56 56 ILE ILE A . n 
A 1 57 ASN 57 57 57 ASN ASN A . n 
A 1 58 ARG 58 58 58 ARG ARG A . n 
A 1 59 GLU 59 59 59 GLU GLU A . n 
A 1 60 LYS 60 60 60 LYS LYS A . n 
A 1 61 LEU 61 61 61 LEU LEU A . n 
A 1 62 HIS 62 62 62 HIS HIS A . n 
A 1 63 THR 63 63 63 THR THR A . n 
A 1 64 VAL 64 64 64 VAL VAL A . n 
A 1 65 LYS 65 65 65 LYS LYS A . n 
A 1 66 VAL 66 66 66 VAL VAL A . n 
A 1 67 LEU 67 67 67 LEU LEU A . n 
A 1 68 SER 68 68 68 SER SER A . n 
A 1 69 ALA 69 69 69 ALA ALA A . n 
A 1 70 SER 70 70 70 SER SER A . n 
A 1 71 SER 71 71 71 SER SER A . n 
A 1 72 TYR 72 72 72 TYR TYR A . n 
A 1 73 SER 73 73 73 SER SER A . n 
A 1 74 PRO 74 74 74 PRO PRO A . n 
A 1 75 ASP 75 75 75 ASP ASP A . n 
A 1 76 GLU 76 76 76 GLU GLU A . n 
A 1 77 TRP 77 77 77 TRP TRP A . n 
A 1 78 GLU 78 78 78 GLU GLU A . n 
A 1 79 ARG 79 79 79 ARG ARG A . n 
A 1 80 GLN 80 80 80 GLN GLN A . n 
A 1 81 CYS 81 81 81 CYS CYS A . n 
A 1 82 LYS 82 82 82 LYS LYS A . n 
A 1 83 VAL 83 83 83 VAL VAL A . n 
A 1 84 ALA 84 84 84 ALA ALA A . n 
A 1 85 GLY 85 85 85 GLY GLY A . n 
A 1 86 LYS 86 86 ?  ?   ?   A . n 
A 1 87 THR 87 87 ?  ?   ?   A . n 
A 1 88 GLN 88 88 ?  ?   ?   A . n 
# 
loop_
_pdbx_nonpoly_scheme.asym_id 
_pdbx_nonpoly_scheme.entity_id 
_pdbx_nonpoly_scheme.mon_id 
_pdbx_nonpoly_scheme.ndb_seq_num 
_pdbx_nonpoly_scheme.pdb_seq_num 
_pdbx_nonpoly_scheme.auth_seq_num 
_pdbx_nonpoly_scheme.pdb_mon_id 
_pdbx_nonpoly_scheme.auth_mon_id 
_pdbx_nonpoly_scheme.pdb_strand_id 
_pdbx_nonpoly_scheme.pdb_ins_code 
B 2 HOH 1 101 1  HOH HOH A . 
B 2 HOH 2 102 2  HOH HOH A . 
B 2 HOH 3 103 5  HOH HOH A . 
B 2 HOH 4 104 6  HOH HOH A . 
B 2 HOH 5 105 7  HOH HOH A . 
B 2 HOH 6 106 8  HOH HOH A . 
B 2 HOH 7 107 10 HOH HOH A . 
# 
loop_
_software.name 
_software.classification 
_software.version 
_software.citation_id 
_software.pdbx_ordinal 
ADSC     'data collection' Quantum  ? 1 
MOLREP   phasing           .        ? 2 
REFMAC   refinement        5.7.0029 ? 3 
HKL-2000 'data reduction'  .        ? 4 
HKL-2000 'data scaling'    .        ? 5 
# 
_cell.entry_id           4HN7 
_cell.length_a           83.580 
_cell.length_b           83.580 
_cell.length_c           75.951 
_cell.angle_alpha        90.00 
_cell.angle_beta         90.00 
_cell.angle_gamma        120.00 
_cell.Z_PDB              18 
_cell.pdbx_unique_axis   ? 
_cell.length_a_esd       ? 
_cell.length_b_esd       ? 
_cell.length_c_esd       ? 
_cell.angle_alpha_esd    ? 
_cell.angle_beta_esd     ? 
_cell.angle_gamma_esd    ? 
# 
_symmetry.entry_id                         4HN7 
_symmetry.space_group_name_H-M             'H 3 2' 
_symmetry.pdbx_full_space_group_name_H-M   ? 
_symmetry.cell_setting                     ? 
_symmetry.Int_Tables_number                155 
_symmetry.space_group_name_Hall            ? 
# 
_exptl.entry_id          4HN7 
_exptl.method            'X-RAY DIFFRACTION' 
_exptl.crystals_number   1 
# 
_exptl_crystal.id                    1 
_exptl_crystal.density_meas          ? 
_exptl_crystal.density_Matthews      2.58 
_exptl_crystal.density_percent_sol   52.37 
_exptl_crystal.description           ? 
_exptl_crystal.F_000                 ? 
_exptl_crystal.preparation           ? 
# 
_exptl_crystal_grow.crystal_id      1 
_exptl_crystal_grow.method          'VAPOR DIFFUSION, HANGING DROP' 
_exptl_crystal_grow.temp            293.0 
_exptl_crystal_grow.temp_details    ? 
_exptl_crystal_grow.pH              4.6 
_exptl_crystal_grow.pdbx_details    
'50 mM sodium acetate, 2.0 M ammonium sulfate, pH 4.6, VAPOR DIFFUSION, HANGING DROP, temperature 293.0K' 
_exptl_crystal_grow.pdbx_pH_range   ? 
# 
_diffrn.id                     1 
_diffrn.ambient_temp           100 
_diffrn.ambient_temp_details   ? 
_diffrn.crystal_id             1 
# 
_diffrn_detector.diffrn_id              1 
_diffrn_detector.detector               CCD 
_diffrn_detector.type                   'ADSC QUANTUM 315' 
_diffrn_detector.pdbx_collection_date   2005-07-22 
_diffrn_detector.details                mirrors 
# 
_diffrn_radiation.diffrn_id                        1 
_diffrn_radiation.wavelength_id                    1 
_diffrn_radiation.pdbx_monochromatic_or_laue_m_l   M 
_diffrn_radiation.monochromator                    'Double crystal monochromator' 
_diffrn_radiation.pdbx_diffrn_protocol             MAD 
_diffrn_radiation.pdbx_scattering_type             x-ray 
# 
_diffrn_radiation_wavelength.id           1 
_diffrn_radiation_wavelength.wavelength   0.97959 
_diffrn_radiation_wavelength.wt           1.0 
# 
_diffrn_source.diffrn_id                   1 
_diffrn_source.source                      SYNCHROTRON 
_diffrn_source.type                        'PAL/PLS BEAMLINE 4A' 
_diffrn_source.pdbx_synchrotron_site       PAL/PLS 
_diffrn_source.pdbx_synchrotron_beamline   4A 
_diffrn_source.pdbx_wavelength             ? 
_diffrn_source.pdbx_wavelength_list        0.97959 
# 
_reflns.entry_id                     4HN7 
_reflns.observed_criterion_sigma_I   -3 
_reflns.observed_criterion_sigma_F   0 
_reflns.d_resolution_low             50.000 
_reflns.d_resolution_high            2.000 
_reflns.number_obs                   5617 
_reflns.number_all                   ? 
_reflns.percent_possible_obs         79.6 
_reflns.pdbx_Rmerge_I_obs            ? 
_reflns.pdbx_Rsym_value              ? 
_reflns.pdbx_netI_over_sigmaI        ? 
_reflns.B_iso_Wilson_estimate        ? 
_reflns.pdbx_redundancy              ? 
_reflns.R_free_details               ? 
_reflns.limit_h_max                  ? 
_reflns.limit_h_min                  ? 
_reflns.limit_k_max                  ? 
_reflns.limit_k_min                  ? 
_reflns.limit_l_max                  ? 
_reflns.limit_l_min                  ? 
_reflns.observed_criterion_F_max     ? 
_reflns.observed_criterion_F_min     ? 
_reflns.pdbx_chi_squared             ? 
_reflns.pdbx_scaling_rejects         ? 
_reflns.pdbx_ordinal                 1 
_reflns.pdbx_diffrn_id               1 
# 
loop_
_reflns_shell.d_res_high 
_reflns_shell.d_res_low 
_reflns_shell.percent_possible_all 
_reflns_shell.Rmerge_I_obs 
_reflns_shell.pdbx_Rsym_value 
_reflns_shell.meanI_over_sigI_obs 
_reflns_shell.pdbx_redundancy 
_reflns_shell.percent_possible_obs 
_reflns_shell.number_unique_all 
_reflns_shell.number_measured_all 
_reflns_shell.number_measured_obs 
_reflns_shell.number_unique_obs 
_reflns_shell.pdbx_chi_squared 
_reflns_shell.pdbx_ordinal 
_reflns_shell.pdbx_diffrn_id 
2.00 2.07 28.1 ? ? ? ? ? ? ? ? ? ? 1 1 
2.25 2.37 79.1 ? ? ? ? ? ? ? ? ? ? 2 1 
2.37 2.52 97.2 ? ? ? ? ? ? ? ? ? ? 3 1 
# 
_refine.entry_id                                 4HN7 
_refine.ls_number_reflns_obs                     4111 
_refine.ls_number_reflns_all                     4370 
_refine.pdbx_ls_sigma_I                          ? 
_refine.pdbx_ls_sigma_F                          0 
_refine.pdbx_data_cutoff_high_absF               ? 
_refine.pdbx_data_cutoff_low_absF                ? 
_refine.pdbx_data_cutoff_high_rms_absF           ? 
_refine.ls_d_res_low                             16.81 
_refine.ls_d_res_high                            2.352 
_refine.ls_percent_reflns_obs                    98.15 
_refine.ls_R_factor_obs                          0.21435 
_refine.ls_R_factor_all                          0.21435 
_refine.ls_R_factor_R_work                       0.21109 
_refine.ls_R_factor_R_free                       0.28145 
_refine.ls_R_factor_R_free_error                 ? 
_refine.ls_R_factor_R_free_error_details         ? 
_refine.ls_percent_reflns_R_free                 4.5 
_refine.ls_number_reflns_R_free                  195 
_refine.ls_number_parameters                     ? 
_refine.ls_number_restraints                     ? 
_refine.occupancy_min                            ? 
_refine.occupancy_max                            ? 
_refine.correlation_coeff_Fo_to_Fc               0.958 
_refine.correlation_coeff_Fo_to_Fc_free          0.930 
_refine.B_iso_mean                               74.083 
_refine.aniso_B[1][1]                            -0.01 
_refine.aniso_B[2][2]                            -0.01 
_refine.aniso_B[3][3]                            0.03 
_refine.aniso_B[1][2]                            -0.01 
_refine.aniso_B[1][3]                            -0.00 
_refine.aniso_B[2][3]                            -0.00 
_refine.solvent_model_details                    MASK 
_refine.solvent_model_param_ksol                 ? 
_refine.solvent_model_param_bsol                 ? 
_refine.pdbx_solvent_vdw_probe_radii             1.20 
_refine.pdbx_solvent_ion_probe_radii             0.80 
_refine.pdbx_solvent_shrinkage_radii             0.80 
_refine.pdbx_ls_cross_valid_method               THROUGHOUT 
_refine.details                                  'HYDROGENS HAVE BEEN ADDED IN THE RIDING POSITIONS' 
_refine.pdbx_starting_model                      'PDB ENTRY 2JSO' 
_refine.pdbx_method_to_determine_struct          'MOLECULAR REPLACEMENT' 
_refine.pdbx_isotropic_thermal_model             ? 
_refine.pdbx_stereochemistry_target_values       'MAXIMUM LIKELIHOOD' 
_refine.pdbx_stereochem_target_val_spec_case     ? 
_refine.pdbx_R_Free_selection_details            RANDOM 
_refine.pdbx_overall_ESU_R                       0.346 
_refine.pdbx_overall_ESU_R_Free                  0.273 
_refine.overall_SU_ML                            0.227 
_refine.pdbx_overall_phase_error                 ? 
_refine.overall_SU_B                             10.697 
_refine.overall_SU_R_Cruickshank_DPI             ? 
_refine.ls_redundancy_reflns_obs                 ? 
_refine.B_iso_min                                ? 
_refine.B_iso_max                                ? 
_refine.overall_SU_R_free                        ? 
_refine.ls_wR_factor_R_free                      ? 
_refine.ls_wR_factor_R_work                      ? 
_refine.overall_FOM_free_R_set                   ? 
_refine.overall_FOM_work_R_set                   ? 
_refine.pdbx_diffrn_id                           1 
_refine.pdbx_refine_id                           'X-RAY DIFFRACTION' 
_refine.pdbx_TLS_residual_ADP_flag               ? 
_refine.pdbx_overall_SU_R_free_Cruickshank_DPI   ? 
_refine.pdbx_overall_SU_R_Blow_DPI               ? 
_refine.pdbx_overall_SU_R_free_Blow_DPI          ? 
# 
_refine_hist.pdbx_refine_id                   'X-RAY DIFFRACTION' 
_refine_hist.cycle_id                         LAST 
_refine_hist.pdbx_number_atoms_protein        661 
_refine_hist.pdbx_number_atoms_nucleic_acid   0 
_refine_hist.pdbx_number_atoms_ligand         0 
_refine_hist.number_atoms_solvent             7 
_refine_hist.number_atoms_total               668 
_refine_hist.d_res_high                       2.352 
_refine_hist.d_res_low                        16.81 
# 
loop_
_refine_ls_restr.type 
_refine_ls_restr.dev_ideal 
_refine_ls_restr.dev_ideal_target 
_refine_ls_restr.weight 
_refine_ls_restr.number 
_refine_ls_restr.pdbx_restraint_function 
_refine_ls_restr.pdbx_refine_id 
r_bond_refined_d             0.020  0.019  ? 672  ? 'X-RAY DIFFRACTION' 
r_bond_other_d               0.006  0.020  ? 665  ? 'X-RAY DIFFRACTION' 
r_angle_refined_deg          2.160  1.963  ? 904  ? 'X-RAY DIFFRACTION' 
r_angle_other_deg            0.978  3.003  ? 1534 ? 'X-RAY DIFFRACTION' 
r_dihedral_angle_1_deg       9.101  5.000  ? 84   ? 'X-RAY DIFFRACTION' 
r_dihedral_angle_2_deg       40.956 25.185 ? 27   ? 'X-RAY DIFFRACTION' 
r_dihedral_angle_3_deg       24.851 15.000 ? 131  ? 'X-RAY DIFFRACTION' 
r_dihedral_angle_4_deg       22.512 15.000 ? 3    ? 'X-RAY DIFFRACTION' 
r_chiral_restr               0.114  0.200  ? 102  ? 'X-RAY DIFFRACTION' 
r_gen_planes_refined         0.007  0.020  ? 742  ? 'X-RAY DIFFRACTION' 
r_gen_planes_other           0.001  0.020  ? 141  ? 'X-RAY DIFFRACTION' 
r_nbd_refined                ?      ?      ? ?    ? 'X-RAY DIFFRACTION' 
r_nbd_other                  ?      ?      ? ?    ? 'X-RAY DIFFRACTION' 
r_nbtor_refined              ?      ?      ? ?    ? 'X-RAY DIFFRACTION' 
r_nbtor_other                ?      ?      ? ?    ? 'X-RAY DIFFRACTION' 
r_xyhbond_nbd_refined        ?      ?      ? ?    ? 'X-RAY DIFFRACTION' 
r_xyhbond_nbd_other          ?      ?      ? ?    ? 'X-RAY DIFFRACTION' 
r_metal_ion_refined          ?      ?      ? ?    ? 'X-RAY DIFFRACTION' 
r_metal_ion_other            ?      ?      ? ?    ? 'X-RAY DIFFRACTION' 
r_symmetry_vdw_refined       ?      ?      ? ?    ? 'X-RAY DIFFRACTION' 
r_symmetry_vdw_other         ?      ?      ? ?    ? 'X-RAY DIFFRACTION' 
r_symmetry_hbond_refined     ?      ?      ? ?    ? 'X-RAY DIFFRACTION' 
r_symmetry_hbond_other       ?      ?      ? ?    ? 'X-RAY DIFFRACTION' 
r_symmetry_metal_ion_refined ?      ?      ? ?    ? 'X-RAY DIFFRACTION' 
r_symmetry_metal_ion_other   ?      ?      ? ?    ? 'X-RAY DIFFRACTION' 
r_mcbond_it                  ?      ?      ? ?    ? 'X-RAY DIFFRACTION' 
r_mcbond_other               ?      ?      ? ?    ? 'X-RAY DIFFRACTION' 
r_mcangle_it                 ?      ?      ? ?    ? 'X-RAY DIFFRACTION' 
r_scbond_it                  ?      ?      ? ?    ? 'X-RAY DIFFRACTION' 
r_scangle_it                 ?      ?      ? ?    ? 'X-RAY DIFFRACTION' 
r_rigid_bond_restr           ?      ?      ? ?    ? 'X-RAY DIFFRACTION' 
r_sphericity_free            ?      ?      ? ?    ? 'X-RAY DIFFRACTION' 
r_sphericity_bonded          ?      ?      ? ?    ? 'X-RAY DIFFRACTION' 
# 
_refine_ls_shell.pdbx_total_number_of_bins_used   20 
_refine_ls_shell.d_res_high                       2.352 
_refine_ls_shell.d_res_low                        2.412 
_refine_ls_shell.number_reflns_R_work             274 
_refine_ls_shell.R_factor_R_work                  0.334 
_refine_ls_shell.percent_reflns_obs               92.45 
_refine_ls_shell.R_factor_R_free                  0.380 
_refine_ls_shell.R_factor_R_free_error            ? 
_refine_ls_shell.percent_reflns_R_free            ? 
_refine_ls_shell.number_reflns_R_free             20 
_refine_ls_shell.number_reflns_all                ? 
_refine_ls_shell.R_factor_all                     ? 
_refine_ls_shell.number_reflns_obs                ? 
_refine_ls_shell.redundancy_reflns_obs            ? 
_refine_ls_shell.pdbx_refine_id                   'X-RAY DIFFRACTION' 
# 
_struct.entry_id                  4HN7 
_struct.title                     'Crystal structure of E. coli PmrD' 
_struct.pdbx_model_details        ? 
_struct.pdbx_CASP_flag            ? 
_struct.pdbx_model_type_details   ? 
# 
_struct_keywords.entry_id        4HN7 
_struct_keywords.pdbx_keywords   'SIGNALING PROTEIN' 
_struct_keywords.text            'Signaling protein' 
# 
loop_
_struct_asym.id 
_struct_asym.pdbx_blank_PDB_chainid_flag 
_struct_asym.pdbx_modified 
_struct_asym.entity_id 
_struct_asym.details 
A N N 1 ? 
B N N 2 ? 
# 
_struct_ref.id                         1 
_struct_ref.db_name                    UNP 
_struct_ref.db_code                    PMRD_ECOLI 
_struct_ref.pdbx_db_accession          P37590 
_struct_ref.entity_id                  1 
_struct_ref.pdbx_seq_one_letter_code   
;MEWLVKKSCCNKQDNRHVLMLCDAGGAIKMIAEVKSDFAVKVGDLLSPLQNALYCINREKLHTVKVLSASSYSPDEWERQ
CKVAGKTQ
;
_struct_ref.pdbx_align_begin           1 
_struct_ref.pdbx_db_isoform            ? 
# 
_struct_ref_seq.align_id                      1 
_struct_ref_seq.ref_id                        1 
_struct_ref_seq.pdbx_PDB_id_code              4HN7 
_struct_ref_seq.pdbx_strand_id                A 
_struct_ref_seq.seq_align_beg                 1 
_struct_ref_seq.pdbx_seq_align_beg_ins_code   ? 
_struct_ref_seq.seq_align_end                 88 
_struct_ref_seq.pdbx_seq_align_end_ins_code   ? 
_struct_ref_seq.pdbx_db_accession             P37590 
_struct_ref_seq.db_align_beg                  1 
_struct_ref_seq.pdbx_db_align_beg_ins_code    ? 
_struct_ref_seq.db_align_end                  88 
_struct_ref_seq.pdbx_db_align_end_ins_code    ? 
_struct_ref_seq.pdbx_auth_seq_align_beg       1 
_struct_ref_seq.pdbx_auth_seq_align_end       88 
# 
_pdbx_struct_assembly.id                   1 
_pdbx_struct_assembly.details              software_defined_assembly 
_pdbx_struct_assembly.method_details       PISA 
_pdbx_struct_assembly.oligomeric_details   dimeric 
_pdbx_struct_assembly.oligomeric_count     2 
# 
loop_
_pdbx_struct_assembly_prop.biol_id 
_pdbx_struct_assembly_prop.type 
_pdbx_struct_assembly_prop.value 
_pdbx_struct_assembly_prop.details 
1 'ABSA (A^2)' 1220 ? 
1 MORE         -5   ? 
1 'SSA (A^2)'  9300 ? 
# 
_pdbx_struct_assembly_gen.assembly_id       1 
_pdbx_struct_assembly_gen.oper_expression   1,2 
_pdbx_struct_assembly_gen.asym_id_list      A,B 
# 
loop_
_pdbx_struct_oper_list.id 
_pdbx_struct_oper_list.type 
_pdbx_struct_oper_list.name 
_pdbx_struct_oper_list.symmetry_operation 
_pdbx_struct_oper_list.matrix[1][1] 
_pdbx_struct_oper_list.matrix[1][2] 
_pdbx_struct_oper_list.matrix[1][3] 
_pdbx_struct_oper_list.vector[1] 
_pdbx_struct_oper_list.matrix[2][1] 
_pdbx_struct_oper_list.matrix[2][2] 
_pdbx_struct_oper_list.matrix[2][3] 
_pdbx_struct_oper_list.vector[2] 
_pdbx_struct_oper_list.matrix[3][1] 
_pdbx_struct_oper_list.matrix[3][2] 
_pdbx_struct_oper_list.matrix[3][3] 
_pdbx_struct_oper_list.vector[3] 
1 'identity operation'         1_555  x,y,z                  1.0000000000 0.0000000000 0.0000000000 0.0000000000  0.0000000000 1.0000000000  0.0000000000 0.0000000000 0.0000000000 0.0000000000 1.0000000000  0.0000000000   
2 'crystal symmetry operation' 12_555 -x+2/3,-x+y+1/3,-z+1/3 0.2032422169 0.3302999590 0.9217345271 16.8890759009 0.3302999590 -0.9093299243 0.2530237654 6.0865997195 0.9217345271 0.2530237654 -0.2939122926 -24.2282914552 
# 
_struct_biol.id        1 
_struct_biol.details   ? 
# 
_struct_conf.conf_type_id            HELX_P 
_struct_conf.id                      HELX_P1 
_struct_conf.pdbx_PDB_helix_id       1 
_struct_conf.beg_label_comp_id       SER 
_struct_conf.beg_label_asym_id       A 
_struct_conf.beg_label_seq_id        73 
_struct_conf.pdbx_beg_PDB_ins_code   ? 
_struct_conf.end_label_comp_id       GLY 
_struct_conf.end_label_asym_id       A 
_struct_conf.end_label_seq_id        85 
_struct_conf.pdbx_end_PDB_ins_code   ? 
_struct_conf.beg_auth_comp_id        SER 
_struct_conf.beg_auth_asym_id        A 
_struct_conf.beg_auth_seq_id         73 
_struct_conf.end_auth_comp_id        GLY 
_struct_conf.end_auth_asym_id        A 
_struct_conf.end_auth_seq_id         85 
_struct_conf.pdbx_PDB_helix_class    1 
_struct_conf.details                 ? 
_struct_conf.pdbx_PDB_helix_length   13 
# 
_struct_conf_type.id          HELX_P 
_struct_conf_type.criteria    ? 
_struct_conf_type.reference   ? 
# 
_struct_conn.id                            disulf1 
_struct_conn.conn_type_id                  disulf 
_struct_conn.pdbx_leaving_atom_flag        ? 
_struct_conn.pdbx_PDB_id                   ? 
_struct_conn.ptnr1_label_asym_id           A 
_struct_conn.ptnr1_label_comp_id           CYS 
_struct_conn.ptnr1_label_seq_id            9 
_struct_conn.ptnr1_label_atom_id           SG 
_struct_conn.pdbx_ptnr1_label_alt_id       ? 
_struct_conn.pdbx_ptnr1_PDB_ins_code       ? 
_struct_conn.pdbx_ptnr1_standard_comp_id   ? 
_struct_conn.ptnr1_symmetry                1_555 
_struct_conn.ptnr2_label_asym_id           A 
_struct_conn.ptnr2_label_comp_id           CYS 
_struct_conn.ptnr2_label_seq_id            81 
_struct_conn.ptnr2_label_atom_id           SG 
_struct_conn.pdbx_ptnr2_label_alt_id       ? 
_struct_conn.pdbx_ptnr2_PDB_ins_code       ? 
_struct_conn.ptnr1_auth_asym_id            A 
_struct_conn.ptnr1_auth_comp_id            CYS 
_struct_conn.ptnr1_auth_seq_id             9 
_struct_conn.ptnr2_auth_asym_id            A 
_struct_conn.ptnr2_auth_comp_id            CYS 
_struct_conn.ptnr2_auth_seq_id             81 
_struct_conn.ptnr2_symmetry                1_555 
_struct_conn.pdbx_ptnr3_label_atom_id      ? 
_struct_conn.pdbx_ptnr3_label_seq_id       ? 
_struct_conn.pdbx_ptnr3_label_comp_id      ? 
_struct_conn.pdbx_ptnr3_label_asym_id      ? 
_struct_conn.pdbx_ptnr3_label_alt_id       ? 
_struct_conn.pdbx_ptnr3_PDB_ins_code       ? 
_struct_conn.details                       ? 
_struct_conn.pdbx_dist_value               2.062 
_struct_conn.pdbx_value_order              ? 
_struct_conn.pdbx_role                     ? 
# 
_struct_conn_type.id          disulf 
_struct_conn_type.criteria    ? 
_struct_conn_type.reference   ? 
# 
_pdbx_modification_feature.ordinal                            1 
_pdbx_modification_feature.label_comp_id                      CYS 
_pdbx_modification_feature.label_asym_id                      A 
_pdbx_modification_feature.label_seq_id                       9 
_pdbx_modification_feature.label_alt_id                       ? 
_pdbx_modification_feature.modified_residue_label_comp_id     CYS 
_pdbx_modification_feature.modified_residue_label_asym_id     A 
_pdbx_modification_feature.modified_residue_label_seq_id      81 
_pdbx_modification_feature.modified_residue_label_alt_id      ? 
_pdbx_modification_feature.auth_comp_id                       CYS 
_pdbx_modification_feature.auth_asym_id                       A 
_pdbx_modification_feature.auth_seq_id                        9 
_pdbx_modification_feature.PDB_ins_code                       ? 
_pdbx_modification_feature.symmetry                           1_555 
_pdbx_modification_feature.modified_residue_auth_comp_id      CYS 
_pdbx_modification_feature.modified_residue_auth_asym_id      A 
_pdbx_modification_feature.modified_residue_auth_seq_id       81 
_pdbx_modification_feature.modified_residue_PDB_ins_code      ? 
_pdbx_modification_feature.modified_residue_symmetry          1_555 
_pdbx_modification_feature.comp_id_linking_atom               SG 
_pdbx_modification_feature.modified_residue_id_linking_atom   SG 
_pdbx_modification_feature.modified_residue_id                . 
_pdbx_modification_feature.ref_pcm_id                         . 
_pdbx_modification_feature.ref_comp_id                        . 
_pdbx_modification_feature.type                               None 
_pdbx_modification_feature.category                           'Disulfide bridge' 
# 
_struct_sheet.id               A 
_struct_sheet.type             ? 
_struct_sheet.number_strands   7 
_struct_sheet.details          ? 
# 
loop_
_struct_sheet_order.sheet_id 
_struct_sheet_order.range_id_1 
_struct_sheet_order.range_id_2 
_struct_sheet_order.offset 
_struct_sheet_order.sense 
A 1 2 ? anti-parallel 
A 2 3 ? anti-parallel 
A 3 4 ? anti-parallel 
A 4 5 ? anti-parallel 
A 5 6 ? anti-parallel 
A 6 7 ? anti-parallel 
# 
loop_
_struct_sheet_range.sheet_id 
_struct_sheet_range.id 
_struct_sheet_range.beg_label_comp_id 
_struct_sheet_range.beg_label_asym_id 
_struct_sheet_range.beg_label_seq_id 
_struct_sheet_range.pdbx_beg_PDB_ins_code 
_struct_sheet_range.end_label_comp_id 
_struct_sheet_range.end_label_asym_id 
_struct_sheet_range.end_label_seq_id 
_struct_sheet_range.pdbx_end_PDB_ins_code 
_struct_sheet_range.beg_auth_comp_id 
_struct_sheet_range.beg_auth_asym_id 
_struct_sheet_range.beg_auth_seq_id 
_struct_sheet_range.end_auth_comp_id 
_struct_sheet_range.end_auth_asym_id 
_struct_sheet_range.end_auth_seq_id 
A 1 TRP A 3  ? CYS A 9  ? TRP A 3  CYS A 9  
A 2 ARG A 16 ? ASP A 23 ? ARG A 16 ASP A 23 
A 3 LYS A 29 ? LYS A 35 ? LYS A 29 LYS A 35 
A 4 GLU A 59 ? SER A 71 ? GLU A 59 SER A 71 
A 5 LEU A 53 ? ILE A 56 ? LEU A 53 ILE A 56 
A 6 LEU A 45 ? GLN A 50 ? LEU A 45 GLN A 50 
A 7 TRP A 3  ? CYS A 9  ? TRP A 3  CYS A 9  
# 
loop_
_pdbx_struct_sheet_hbond.sheet_id 
_pdbx_struct_sheet_hbond.range_id_1 
_pdbx_struct_sheet_hbond.range_id_2 
_pdbx_struct_sheet_hbond.range_1_label_atom_id 
_pdbx_struct_sheet_hbond.range_1_label_comp_id 
_pdbx_struct_sheet_hbond.range_1_label_asym_id 
_pdbx_struct_sheet_hbond.range_1_label_seq_id 
_pdbx_struct_sheet_hbond.range_1_PDB_ins_code 
_pdbx_struct_sheet_hbond.range_1_auth_atom_id 
_pdbx_struct_sheet_hbond.range_1_auth_comp_id 
_pdbx_struct_sheet_hbond.range_1_auth_asym_id 
_pdbx_struct_sheet_hbond.range_1_auth_seq_id 
_pdbx_struct_sheet_hbond.range_2_label_atom_id 
_pdbx_struct_sheet_hbond.range_2_label_comp_id 
_pdbx_struct_sheet_hbond.range_2_label_asym_id 
_pdbx_struct_sheet_hbond.range_2_label_seq_id 
_pdbx_struct_sheet_hbond.range_2_PDB_ins_code 
_pdbx_struct_sheet_hbond.range_2_auth_atom_id 
_pdbx_struct_sheet_hbond.range_2_auth_comp_id 
_pdbx_struct_sheet_hbond.range_2_auth_asym_id 
_pdbx_struct_sheet_hbond.range_2_auth_seq_id 
A 1 2 N LYS A 7  ? N LYS A 7  O MET A 20 ? O MET A 20 
A 2 3 N LEU A 19 ? N LEU A 19 O ALA A 32 ? O ALA A 32 
A 3 4 N GLU A 33 ? N GLU A 33 O SER A 68 ? O SER A 68 
A 4 5 O VAL A 64 ? O VAL A 64 N TYR A 54 ? N TYR A 54 
A 5 6 O LEU A 53 ? O LEU A 53 N LEU A 49 ? N LEU A 49 
A 6 7 O LEU A 46 ? O LEU A 46 N TRP A 3  ? N TRP A 3  
# 
_pdbx_entry_details.entry_id                   4HN7 
_pdbx_entry_details.compound_details           ? 
_pdbx_entry_details.source_details             ? 
_pdbx_entry_details.nonpolymer_details         ? 
_pdbx_entry_details.sequence_details           ? 
_pdbx_entry_details.has_ligand_of_interest     ? 
_pdbx_entry_details.has_protein_modification   Y 
# 
loop_
_pdbx_unobs_or_zero_occ_residues.id 
_pdbx_unobs_or_zero_occ_residues.PDB_model_num 
_pdbx_unobs_or_zero_occ_residues.polymer_flag 
_pdbx_unobs_or_zero_occ_residues.occupancy_flag 
_pdbx_unobs_or_zero_occ_residues.auth_asym_id 
_pdbx_unobs_or_zero_occ_residues.auth_comp_id 
_pdbx_unobs_or_zero_occ_residues.auth_seq_id 
_pdbx_unobs_or_zero_occ_residues.PDB_ins_code 
_pdbx_unobs_or_zero_occ_residues.label_asym_id 
_pdbx_unobs_or_zero_occ_residues.label_comp_id 
_pdbx_unobs_or_zero_occ_residues.label_seq_id 
1 1 Y 1 A LYS 86 ? A LYS 86 
2 1 Y 1 A THR 87 ? A THR 87 
3 1 Y 1 A GLN 88 ? A GLN 88 
# 
loop_
_chem_comp_atom.comp_id 
_chem_comp_atom.atom_id 
_chem_comp_atom.type_symbol 
_chem_comp_atom.pdbx_aromatic_flag 
_chem_comp_atom.pdbx_stereo_config 
_chem_comp_atom.pdbx_ordinal 
ALA N    N N N 1   
ALA CA   C N S 2   
ALA C    C N N 3   
ALA O    O N N 4   
ALA CB   C N N 5   
ALA OXT  O N N 6   
ALA H    H N N 7   
ALA H2   H N N 8   
ALA HA   H N N 9   
ALA HB1  H N N 10  
ALA HB2  H N N 11  
ALA HB3  H N N 12  
ALA HXT  H N N 13  
ARG N    N N N 14  
ARG CA   C N S 15  
ARG C    C N N 16  
ARG O    O N N 17  
ARG CB   C N N 18  
ARG CG   C N N 19  
ARG CD   C N N 20  
ARG NE   N N N 21  
ARG CZ   C N N 22  
ARG NH1  N N N 23  
ARG NH2  N N N 24  
ARG OXT  O N N 25  
ARG H    H N N 26  
ARG H2   H N N 27  
ARG HA   H N N 28  
ARG HB2  H N N 29  
ARG HB3  H N N 30  
ARG HG2  H N N 31  
ARG HG3  H N N 32  
ARG HD2  H N N 33  
ARG HD3  H N N 34  
ARG HE   H N N 35  
ARG HH11 H N N 36  
ARG HH12 H N N 37  
ARG HH21 H N N 38  
ARG HH22 H N N 39  
ARG HXT  H N N 40  
ASN N    N N N 41  
ASN CA   C N S 42  
ASN C    C N N 43  
ASN O    O N N 44  
ASN CB   C N N 45  
ASN CG   C N N 46  
ASN OD1  O N N 47  
ASN ND2  N N N 48  
ASN OXT  O N N 49  
ASN H    H N N 50  
ASN H2   H N N 51  
ASN HA   H N N 52  
ASN HB2  H N N 53  
ASN HB3  H N N 54  
ASN HD21 H N N 55  
ASN HD22 H N N 56  
ASN HXT  H N N 57  
ASP N    N N N 58  
ASP CA   C N S 59  
ASP C    C N N 60  
ASP O    O N N 61  
ASP CB   C N N 62  
ASP CG   C N N 63  
ASP OD1  O N N 64  
ASP OD2  O N N 65  
ASP OXT  O N N 66  
ASP H    H N N 67  
ASP H2   H N N 68  
ASP HA   H N N 69  
ASP HB2  H N N 70  
ASP HB3  H N N 71  
ASP HD2  H N N 72  
ASP HXT  H N N 73  
CYS N    N N N 74  
CYS CA   C N R 75  
CYS C    C N N 76  
CYS O    O N N 77  
CYS CB   C N N 78  
CYS SG   S N N 79  
CYS OXT  O N N 80  
CYS H    H N N 81  
CYS H2   H N N 82  
CYS HA   H N N 83  
CYS HB2  H N N 84  
CYS HB3  H N N 85  
CYS HG   H N N 86  
CYS HXT  H N N 87  
GLN N    N N N 88  
GLN CA   C N S 89  
GLN C    C N N 90  
GLN O    O N N 91  
GLN CB   C N N 92  
GLN CG   C N N 93  
GLN CD   C N N 94  
GLN OE1  O N N 95  
GLN NE2  N N N 96  
GLN OXT  O N N 97  
GLN H    H N N 98  
GLN H2   H N N 99  
GLN HA   H N N 100 
GLN HB2  H N N 101 
GLN HB3  H N N 102 
GLN HG2  H N N 103 
GLN HG3  H N N 104 
GLN HE21 H N N 105 
GLN HE22 H N N 106 
GLN HXT  H N N 107 
GLU N    N N N 108 
GLU CA   C N S 109 
GLU C    C N N 110 
GLU O    O N N 111 
GLU CB   C N N 112 
GLU CG   C N N 113 
GLU CD   C N N 114 
GLU OE1  O N N 115 
GLU OE2  O N N 116 
GLU OXT  O N N 117 
GLU H    H N N 118 
GLU H2   H N N 119 
GLU HA   H N N 120 
GLU HB2  H N N 121 
GLU HB3  H N N 122 
GLU HG2  H N N 123 
GLU HG3  H N N 124 
GLU HE2  H N N 125 
GLU HXT  H N N 126 
GLY N    N N N 127 
GLY CA   C N N 128 
GLY C    C N N 129 
GLY O    O N N 130 
GLY OXT  O N N 131 
GLY H    H N N 132 
GLY H2   H N N 133 
GLY HA2  H N N 134 
GLY HA3  H N N 135 
GLY HXT  H N N 136 
HIS N    N N N 137 
HIS CA   C N S 138 
HIS C    C N N 139 
HIS O    O N N 140 
HIS CB   C N N 141 
HIS CG   C Y N 142 
HIS ND1  N Y N 143 
HIS CD2  C Y N 144 
HIS CE1  C Y N 145 
HIS NE2  N Y N 146 
HIS OXT  O N N 147 
HIS H    H N N 148 
HIS H2   H N N 149 
HIS HA   H N N 150 
HIS HB2  H N N 151 
HIS HB3  H N N 152 
HIS HD1  H N N 153 
HIS HD2  H N N 154 
HIS HE1  H N N 155 
HIS HE2  H N N 156 
HIS HXT  H N N 157 
HOH O    O N N 158 
HOH H1   H N N 159 
HOH H2   H N N 160 
ILE N    N N N 161 
ILE CA   C N S 162 
ILE C    C N N 163 
ILE O    O N N 164 
ILE CB   C N S 165 
ILE CG1  C N N 166 
ILE CG2  C N N 167 
ILE CD1  C N N 168 
ILE OXT  O N N 169 
ILE H    H N N 170 
ILE H2   H N N 171 
ILE HA   H N N 172 
ILE HB   H N N 173 
ILE HG12 H N N 174 
ILE HG13 H N N 175 
ILE HG21 H N N 176 
ILE HG22 H N N 177 
ILE HG23 H N N 178 
ILE HD11 H N N 179 
ILE HD12 H N N 180 
ILE HD13 H N N 181 
ILE HXT  H N N 182 
LEU N    N N N 183 
LEU CA   C N S 184 
LEU C    C N N 185 
LEU O    O N N 186 
LEU CB   C N N 187 
LEU CG   C N N 188 
LEU CD1  C N N 189 
LEU CD2  C N N 190 
LEU OXT  O N N 191 
LEU H    H N N 192 
LEU H2   H N N 193 
LEU HA   H N N 194 
LEU HB2  H N N 195 
LEU HB3  H N N 196 
LEU HG   H N N 197 
LEU HD11 H N N 198 
LEU HD12 H N N 199 
LEU HD13 H N N 200 
LEU HD21 H N N 201 
LEU HD22 H N N 202 
LEU HD23 H N N 203 
LEU HXT  H N N 204 
LYS N    N N N 205 
LYS CA   C N S 206 
LYS C    C N N 207 
LYS O    O N N 208 
LYS CB   C N N 209 
LYS CG   C N N 210 
LYS CD   C N N 211 
LYS CE   C N N 212 
LYS NZ   N N N 213 
LYS OXT  O N N 214 
LYS H    H N N 215 
LYS H2   H N N 216 
LYS HA   H N N 217 
LYS HB2  H N N 218 
LYS HB3  H N N 219 
LYS HG2  H N N 220 
LYS HG3  H N N 221 
LYS HD2  H N N 222 
LYS HD3  H N N 223 
LYS HE2  H N N 224 
LYS HE3  H N N 225 
LYS HZ1  H N N 226 
LYS HZ2  H N N 227 
LYS HZ3  H N N 228 
LYS HXT  H N N 229 
MET N    N N N 230 
MET CA   C N S 231 
MET C    C N N 232 
MET O    O N N 233 
MET CB   C N N 234 
MET CG   C N N 235 
MET SD   S N N 236 
MET CE   C N N 237 
MET OXT  O N N 238 
MET H    H N N 239 
MET H2   H N N 240 
MET HA   H N N 241 
MET HB2  H N N 242 
MET HB3  H N N 243 
MET HG2  H N N 244 
MET HG3  H N N 245 
MET HE1  H N N 246 
MET HE2  H N N 247 
MET HE3  H N N 248 
MET HXT  H N N 249 
PHE N    N N N 250 
PHE CA   C N S 251 
PHE C    C N N 252 
PHE O    O N N 253 
PHE CB   C N N 254 
PHE CG   C Y N 255 
PHE CD1  C Y N 256 
PHE CD2  C Y N 257 
PHE CE1  C Y N 258 
PHE CE2  C Y N 259 
PHE CZ   C Y N 260 
PHE OXT  O N N 261 
PHE H    H N N 262 
PHE H2   H N N 263 
PHE HA   H N N 264 
PHE HB2  H N N 265 
PHE HB3  H N N 266 
PHE HD1  H N N 267 
PHE HD2  H N N 268 
PHE HE1  H N N 269 
PHE HE2  H N N 270 
PHE HZ   H N N 271 
PHE HXT  H N N 272 
PRO N    N N N 273 
PRO CA   C N S 274 
PRO C    C N N 275 
PRO O    O N N 276 
PRO CB   C N N 277 
PRO CG   C N N 278 
PRO CD   C N N 279 
PRO OXT  O N N 280 
PRO H    H N N 281 
PRO HA   H N N 282 
PRO HB2  H N N 283 
PRO HB3  H N N 284 
PRO HG2  H N N 285 
PRO HG3  H N N 286 
PRO HD2  H N N 287 
PRO HD3  H N N 288 
PRO HXT  H N N 289 
SER N    N N N 290 
SER CA   C N S 291 
SER C    C N N 292 
SER O    O N N 293 
SER CB   C N N 294 
SER OG   O N N 295 
SER OXT  O N N 296 
SER H    H N N 297 
SER H2   H N N 298 
SER HA   H N N 299 
SER HB2  H N N 300 
SER HB3  H N N 301 
SER HG   H N N 302 
SER HXT  H N N 303 
THR N    N N N 304 
THR CA   C N S 305 
THR C    C N N 306 
THR O    O N N 307 
THR CB   C N R 308 
THR OG1  O N N 309 
THR CG2  C N N 310 
THR OXT  O N N 311 
THR H    H N N 312 
THR H2   H N N 313 
THR HA   H N N 314 
THR HB   H N N 315 
THR HG1  H N N 316 
THR HG21 H N N 317 
THR HG22 H N N 318 
THR HG23 H N N 319 
THR HXT  H N N 320 
TRP N    N N N 321 
TRP CA   C N S 322 
TRP C    C N N 323 
TRP O    O N N 324 
TRP CB   C N N 325 
TRP CG   C Y N 326 
TRP CD1  C Y N 327 
TRP CD2  C Y N 328 
TRP NE1  N Y N 329 
TRP CE2  C Y N 330 
TRP CE3  C Y N 331 
TRP CZ2  C Y N 332 
TRP CZ3  C Y N 333 
TRP CH2  C Y N 334 
TRP OXT  O N N 335 
TRP H    H N N 336 
TRP H2   H N N 337 
TRP HA   H N N 338 
TRP HB2  H N N 339 
TRP HB3  H N N 340 
TRP HD1  H N N 341 
TRP HE1  H N N 342 
TRP HE3  H N N 343 
TRP HZ2  H N N 344 
TRP HZ3  H N N 345 
TRP HH2  H N N 346 
TRP HXT  H N N 347 
TYR N    N N N 348 
TYR CA   C N S 349 
TYR C    C N N 350 
TYR O    O N N 351 
TYR CB   C N N 352 
TYR CG   C Y N 353 
TYR CD1  C Y N 354 
TYR CD2  C Y N 355 
TYR CE1  C Y N 356 
TYR CE2  C Y N 357 
TYR CZ   C Y N 358 
TYR OH   O N N 359 
TYR OXT  O N N 360 
TYR H    H N N 361 
TYR H2   H N N 362 
TYR HA   H N N 363 
TYR HB2  H N N 364 
TYR HB3  H N N 365 
TYR HD1  H N N 366 
TYR HD2  H N N 367 
TYR HE1  H N N 368 
TYR HE2  H N N 369 
TYR HH   H N N 370 
TYR HXT  H N N 371 
VAL N    N N N 372 
VAL CA   C N S 373 
VAL C    C N N 374 
VAL O    O N N 375 
VAL CB   C N N 376 
VAL CG1  C N N 377 
VAL CG2  C N N 378 
VAL OXT  O N N 379 
VAL H    H N N 380 
VAL H2   H N N 381 
VAL HA   H N N 382 
VAL HB   H N N 383 
VAL HG11 H N N 384 
VAL HG12 H N N 385 
VAL HG13 H N N 386 
VAL HG21 H N N 387 
VAL HG22 H N N 388 
VAL HG23 H N N 389 
VAL HXT  H N N 390 
# 
loop_
_chem_comp_bond.comp_id 
_chem_comp_bond.atom_id_1 
_chem_comp_bond.atom_id_2 
_chem_comp_bond.value_order 
_chem_comp_bond.pdbx_aromatic_flag 
_chem_comp_bond.pdbx_stereo_config 
_chem_comp_bond.pdbx_ordinal 
ALA N   CA   sing N N 1   
ALA N   H    sing N N 2   
ALA N   H2   sing N N 3   
ALA CA  C    sing N N 4   
ALA CA  CB   sing N N 5   
ALA CA  HA   sing N N 6   
ALA C   O    doub N N 7   
ALA C   OXT  sing N N 8   
ALA CB  HB1  sing N N 9   
ALA CB  HB2  sing N N 10  
ALA CB  HB3  sing N N 11  
ALA OXT HXT  sing N N 12  
ARG N   CA   sing N N 13  
ARG N   H    sing N N 14  
ARG N   H2   sing N N 15  
ARG CA  C    sing N N 16  
ARG CA  CB   sing N N 17  
ARG CA  HA   sing N N 18  
ARG C   O    doub N N 19  
ARG C   OXT  sing N N 20  
ARG CB  CG   sing N N 21  
ARG CB  HB2  sing N N 22  
ARG CB  HB3  sing N N 23  
ARG CG  CD   sing N N 24  
ARG CG  HG2  sing N N 25  
ARG CG  HG3  sing N N 26  
ARG CD  NE   sing N N 27  
ARG CD  HD2  sing N N 28  
ARG CD  HD3  sing N N 29  
ARG NE  CZ   sing N N 30  
ARG NE  HE   sing N N 31  
ARG CZ  NH1  sing N N 32  
ARG CZ  NH2  doub N N 33  
ARG NH1 HH11 sing N N 34  
ARG NH1 HH12 sing N N 35  
ARG NH2 HH21 sing N N 36  
ARG NH2 HH22 sing N N 37  
ARG OXT HXT  sing N N 38  
ASN N   CA   sing N N 39  
ASN N   H    sing N N 40  
ASN N   H2   sing N N 41  
ASN CA  C    sing N N 42  
ASN CA  CB   sing N N 43  
ASN CA  HA   sing N N 44  
ASN C   O    doub N N 45  
ASN C   OXT  sing N N 46  
ASN CB  CG   sing N N 47  
ASN CB  HB2  sing N N 48  
ASN CB  HB3  sing N N 49  
ASN CG  OD1  doub N N 50  
ASN CG  ND2  sing N N 51  
ASN ND2 HD21 sing N N 52  
ASN ND2 HD22 sing N N 53  
ASN OXT HXT  sing N N 54  
ASP N   CA   sing N N 55  
ASP N   H    sing N N 56  
ASP N   H2   sing N N 57  
ASP CA  C    sing N N 58  
ASP CA  CB   sing N N 59  
ASP CA  HA   sing N N 60  
ASP C   O    doub N N 61  
ASP C   OXT  sing N N 62  
ASP CB  CG   sing N N 63  
ASP CB  HB2  sing N N 64  
ASP CB  HB3  sing N N 65  
ASP CG  OD1  doub N N 66  
ASP CG  OD2  sing N N 67  
ASP OD2 HD2  sing N N 68  
ASP OXT HXT  sing N N 69  
CYS N   CA   sing N N 70  
CYS N   H    sing N N 71  
CYS N   H2   sing N N 72  
CYS CA  C    sing N N 73  
CYS CA  CB   sing N N 74  
CYS CA  HA   sing N N 75  
CYS C   O    doub N N 76  
CYS C   OXT  sing N N 77  
CYS CB  SG   sing N N 78  
CYS CB  HB2  sing N N 79  
CYS CB  HB3  sing N N 80  
CYS SG  HG   sing N N 81  
CYS OXT HXT  sing N N 82  
GLN N   CA   sing N N 83  
GLN N   H    sing N N 84  
GLN N   H2   sing N N 85  
GLN CA  C    sing N N 86  
GLN CA  CB   sing N N 87  
GLN CA  HA   sing N N 88  
GLN C   O    doub N N 89  
GLN C   OXT  sing N N 90  
GLN CB  CG   sing N N 91  
GLN CB  HB2  sing N N 92  
GLN CB  HB3  sing N N 93  
GLN CG  CD   sing N N 94  
GLN CG  HG2  sing N N 95  
GLN CG  HG3  sing N N 96  
GLN CD  OE1  doub N N 97  
GLN CD  NE2  sing N N 98  
GLN NE2 HE21 sing N N 99  
GLN NE2 HE22 sing N N 100 
GLN OXT HXT  sing N N 101 
GLU N   CA   sing N N 102 
GLU N   H    sing N N 103 
GLU N   H2   sing N N 104 
GLU CA  C    sing N N 105 
GLU CA  CB   sing N N 106 
GLU CA  HA   sing N N 107 
GLU C   O    doub N N 108 
GLU C   OXT  sing N N 109 
GLU CB  CG   sing N N 110 
GLU CB  HB2  sing N N 111 
GLU CB  HB3  sing N N 112 
GLU CG  CD   sing N N 113 
GLU CG  HG2  sing N N 114 
GLU CG  HG3  sing N N 115 
GLU CD  OE1  doub N N 116 
GLU CD  OE2  sing N N 117 
GLU OE2 HE2  sing N N 118 
GLU OXT HXT  sing N N 119 
GLY N   CA   sing N N 120 
GLY N   H    sing N N 121 
GLY N   H2   sing N N 122 
GLY CA  C    sing N N 123 
GLY CA  HA2  sing N N 124 
GLY CA  HA3  sing N N 125 
GLY C   O    doub N N 126 
GLY C   OXT  sing N N 127 
GLY OXT HXT  sing N N 128 
HIS N   CA   sing N N 129 
HIS N   H    sing N N 130 
HIS N   H2   sing N N 131 
HIS CA  C    sing N N 132 
HIS CA  CB   sing N N 133 
HIS CA  HA   sing N N 134 
HIS C   O    doub N N 135 
HIS C   OXT  sing N N 136 
HIS CB  CG   sing N N 137 
HIS CB  HB2  sing N N 138 
HIS CB  HB3  sing N N 139 
HIS CG  ND1  sing Y N 140 
HIS CG  CD2  doub Y N 141 
HIS ND1 CE1  doub Y N 142 
HIS ND1 HD1  sing N N 143 
HIS CD2 NE2  sing Y N 144 
HIS CD2 HD2  sing N N 145 
HIS CE1 NE2  sing Y N 146 
HIS CE1 HE1  sing N N 147 
HIS NE2 HE2  sing N N 148 
HIS OXT HXT  sing N N 149 
HOH O   H1   sing N N 150 
HOH O   H2   sing N N 151 
ILE N   CA   sing N N 152 
ILE N   H    sing N N 153 
ILE N   H2   sing N N 154 
ILE CA  C    sing N N 155 
ILE CA  CB   sing N N 156 
ILE CA  HA   sing N N 157 
ILE C   O    doub N N 158 
ILE C   OXT  sing N N 159 
ILE CB  CG1  sing N N 160 
ILE CB  CG2  sing N N 161 
ILE CB  HB   sing N N 162 
ILE CG1 CD1  sing N N 163 
ILE CG1 HG12 sing N N 164 
ILE CG1 HG13 sing N N 165 
ILE CG2 HG21 sing N N 166 
ILE CG2 HG22 sing N N 167 
ILE CG2 HG23 sing N N 168 
ILE CD1 HD11 sing N N 169 
ILE CD1 HD12 sing N N 170 
ILE CD1 HD13 sing N N 171 
ILE OXT HXT  sing N N 172 
LEU N   CA   sing N N 173 
LEU N   H    sing N N 174 
LEU N   H2   sing N N 175 
LEU CA  C    sing N N 176 
LEU CA  CB   sing N N 177 
LEU CA  HA   sing N N 178 
LEU C   O    doub N N 179 
LEU C   OXT  sing N N 180 
LEU CB  CG   sing N N 181 
LEU CB  HB2  sing N N 182 
LEU CB  HB3  sing N N 183 
LEU CG  CD1  sing N N 184 
LEU CG  CD2  sing N N 185 
LEU CG  HG   sing N N 186 
LEU CD1 HD11 sing N N 187 
LEU CD1 HD12 sing N N 188 
LEU CD1 HD13 sing N N 189 
LEU CD2 HD21 sing N N 190 
LEU CD2 HD22 sing N N 191 
LEU CD2 HD23 sing N N 192 
LEU OXT HXT  sing N N 193 
LYS N   CA   sing N N 194 
LYS N   H    sing N N 195 
LYS N   H2   sing N N 196 
LYS CA  C    sing N N 197 
LYS CA  CB   sing N N 198 
LYS CA  HA   sing N N 199 
LYS C   O    doub N N 200 
LYS C   OXT  sing N N 201 
LYS CB  CG   sing N N 202 
LYS CB  HB2  sing N N 203 
LYS CB  HB3  sing N N 204 
LYS CG  CD   sing N N 205 
LYS CG  HG2  sing N N 206 
LYS CG  HG3  sing N N 207 
LYS CD  CE   sing N N 208 
LYS CD  HD2  sing N N 209 
LYS CD  HD3  sing N N 210 
LYS CE  NZ   sing N N 211 
LYS CE  HE2  sing N N 212 
LYS CE  HE3  sing N N 213 
LYS NZ  HZ1  sing N N 214 
LYS NZ  HZ2  sing N N 215 
LYS NZ  HZ3  sing N N 216 
LYS OXT HXT  sing N N 217 
MET N   CA   sing N N 218 
MET N   H    sing N N 219 
MET N   H2   sing N N 220 
MET CA  C    sing N N 221 
MET CA  CB   sing N N 222 
MET CA  HA   sing N N 223 
MET C   O    doub N N 224 
MET C   OXT  sing N N 225 
MET CB  CG   sing N N 226 
MET CB  HB2  sing N N 227 
MET CB  HB3  sing N N 228 
MET CG  SD   sing N N 229 
MET CG  HG2  sing N N 230 
MET CG  HG3  sing N N 231 
MET SD  CE   sing N N 232 
MET CE  HE1  sing N N 233 
MET CE  HE2  sing N N 234 
MET CE  HE3  sing N N 235 
MET OXT HXT  sing N N 236 
PHE N   CA   sing N N 237 
PHE N   H    sing N N 238 
PHE N   H2   sing N N 239 
PHE CA  C    sing N N 240 
PHE CA  CB   sing N N 241 
PHE CA  HA   sing N N 242 
PHE C   O    doub N N 243 
PHE C   OXT  sing N N 244 
PHE CB  CG   sing N N 245 
PHE CB  HB2  sing N N 246 
PHE CB  HB3  sing N N 247 
PHE CG  CD1  doub Y N 248 
PHE CG  CD2  sing Y N 249 
PHE CD1 CE1  sing Y N 250 
PHE CD1 HD1  sing N N 251 
PHE CD2 CE2  doub Y N 252 
PHE CD2 HD2  sing N N 253 
PHE CE1 CZ   doub Y N 254 
PHE CE1 HE1  sing N N 255 
PHE CE2 CZ   sing Y N 256 
PHE CE2 HE2  sing N N 257 
PHE CZ  HZ   sing N N 258 
PHE OXT HXT  sing N N 259 
PRO N   CA   sing N N 260 
PRO N   CD   sing N N 261 
PRO N   H    sing N N 262 
PRO CA  C    sing N N 263 
PRO CA  CB   sing N N 264 
PRO CA  HA   sing N N 265 
PRO C   O    doub N N 266 
PRO C   OXT  sing N N 267 
PRO CB  CG   sing N N 268 
PRO CB  HB2  sing N N 269 
PRO CB  HB3  sing N N 270 
PRO CG  CD   sing N N 271 
PRO CG  HG2  sing N N 272 
PRO CG  HG3  sing N N 273 
PRO CD  HD2  sing N N 274 
PRO CD  HD3  sing N N 275 
PRO OXT HXT  sing N N 276 
SER N   CA   sing N N 277 
SER N   H    sing N N 278 
SER N   H2   sing N N 279 
SER CA  C    sing N N 280 
SER CA  CB   sing N N 281 
SER CA  HA   sing N N 282 
SER C   O    doub N N 283 
SER C   OXT  sing N N 284 
SER CB  OG   sing N N 285 
SER CB  HB2  sing N N 286 
SER CB  HB3  sing N N 287 
SER OG  HG   sing N N 288 
SER OXT HXT  sing N N 289 
THR N   CA   sing N N 290 
THR N   H    sing N N 291 
THR N   H2   sing N N 292 
THR CA  C    sing N N 293 
THR CA  CB   sing N N 294 
THR CA  HA   sing N N 295 
THR C   O    doub N N 296 
THR C   OXT  sing N N 297 
THR CB  OG1  sing N N 298 
THR CB  CG2  sing N N 299 
THR CB  HB   sing N N 300 
THR OG1 HG1  sing N N 301 
THR CG2 HG21 sing N N 302 
THR CG2 HG22 sing N N 303 
THR CG2 HG23 sing N N 304 
THR OXT HXT  sing N N 305 
TRP N   CA   sing N N 306 
TRP N   H    sing N N 307 
TRP N   H2   sing N N 308 
TRP CA  C    sing N N 309 
TRP CA  CB   sing N N 310 
TRP CA  HA   sing N N 311 
TRP C   O    doub N N 312 
TRP C   OXT  sing N N 313 
TRP CB  CG   sing N N 314 
TRP CB  HB2  sing N N 315 
TRP CB  HB3  sing N N 316 
TRP CG  CD1  doub Y N 317 
TRP CG  CD2  sing Y N 318 
TRP CD1 NE1  sing Y N 319 
TRP CD1 HD1  sing N N 320 
TRP CD2 CE2  doub Y N 321 
TRP CD2 CE3  sing Y N 322 
TRP NE1 CE2  sing Y N 323 
TRP NE1 HE1  sing N N 324 
TRP CE2 CZ2  sing Y N 325 
TRP CE3 CZ3  doub Y N 326 
TRP CE3 HE3  sing N N 327 
TRP CZ2 CH2  doub Y N 328 
TRP CZ2 HZ2  sing N N 329 
TRP CZ3 CH2  sing Y N 330 
TRP CZ3 HZ3  sing N N 331 
TRP CH2 HH2  sing N N 332 
TRP OXT HXT  sing N N 333 
TYR N   CA   sing N N 334 
TYR N   H    sing N N 335 
TYR N   H2   sing N N 336 
TYR CA  C    sing N N 337 
TYR CA  CB   sing N N 338 
TYR CA  HA   sing N N 339 
TYR C   O    doub N N 340 
TYR C   OXT  sing N N 341 
TYR CB  CG   sing N N 342 
TYR CB  HB2  sing N N 343 
TYR CB  HB3  sing N N 344 
TYR CG  CD1  doub Y N 345 
TYR CG  CD2  sing Y N 346 
TYR CD1 CE1  sing Y N 347 
TYR CD1 HD1  sing N N 348 
TYR CD2 CE2  doub Y N 349 
TYR CD2 HD2  sing N N 350 
TYR CE1 CZ   doub Y N 351 
TYR CE1 HE1  sing N N 352 
TYR CE2 CZ   sing Y N 353 
TYR CE2 HE2  sing N N 354 
TYR CZ  OH   sing N N 355 
TYR OH  HH   sing N N 356 
TYR OXT HXT  sing N N 357 
VAL N   CA   sing N N 358 
VAL N   H    sing N N 359 
VAL N   H2   sing N N 360 
VAL CA  C    sing N N 361 
VAL CA  CB   sing N N 362 
VAL CA  HA   sing N N 363 
VAL C   O    doub N N 364 
VAL C   OXT  sing N N 365 
VAL CB  CG1  sing N N 366 
VAL CB  CG2  sing N N 367 
VAL CB  HB   sing N N 368 
VAL CG1 HG11 sing N N 369 
VAL CG1 HG12 sing N N 370 
VAL CG1 HG13 sing N N 371 
VAL CG2 HG21 sing N N 372 
VAL CG2 HG22 sing N N 373 
VAL CG2 HG23 sing N N 374 
VAL OXT HXT  sing N N 375 
# 
_pdbx_initial_refinement_model.id               1 
_pdbx_initial_refinement_model.entity_id_list   ? 
_pdbx_initial_refinement_model.type             'experimental model' 
_pdbx_initial_refinement_model.source_name      PDB 
_pdbx_initial_refinement_model.accession_code   2JSO 
_pdbx_initial_refinement_model.details          'PDB ENTRY 2JSO' 
# 
_atom_sites.entry_id                    4HN7 
_atom_sites.fract_transf_matrix[1][1]   0.00761348 
_atom_sites.fract_transf_matrix[1][2]   0.00318532 
_atom_sites.fract_transf_matrix[1][3]   -0.01108018 
_atom_sites.fract_transf_matrix[2][1]   -0.00547382 
_atom_sites.fract_transf_matrix[2][2]   -0.00095493 
_atom_sites.fract_transf_matrix[2][3]   -0.01264940 
_atom_sites.fract_transf_matrix[3][1]   -0.00405180 
_atom_sites.fract_transf_matrix[3][2]   0.01250084 
_atom_sites.fract_transf_matrix[3][3]   0.00080963 
_atom_sites.fract_transf_vector[1]      0.125132 
_atom_sites.fract_transf_vector[2]      0.277623 
_atom_sites.fract_transf_vector[3]      0.172642 
# 
loop_
_atom_type.symbol 
C 
N 
O 
S 
# 
loop_
_atom_site.group_PDB 
_atom_site.id 
_atom_site.type_symbol 
_atom_site.label_atom_id 
_atom_site.label_alt_id 
_atom_site.label_comp_id 
_atom_site.label_asym_id 
_atom_site.label_entity_id 
_atom_site.label_seq_id 
_atom_site.pdbx_PDB_ins_code 
_atom_site.Cartn_x 
_atom_site.Cartn_y 
_atom_site.Cartn_z 
_atom_site.occupancy 
_atom_site.B_iso_or_equiv 
_atom_site.pdbx_formal_charge 
_atom_site.auth_seq_id 
_atom_site.auth_comp_id 
_atom_site.auth_asym_id 
_atom_site.auth_atom_id 
_atom_site.pdbx_PDB_model_num 
ATOM   1   N N   . MET A 1 1  ? -8.996  2.662   -9.589  1.00 78.96  ? 1   MET A N   1 
ATOM   2   C CA  . MET A 1 1  ? -9.094  3.404   -8.306  1.00 64.47  ? 1   MET A CA  1 
ATOM   3   C C   . MET A 1 1  ? -7.766  3.884   -7.788  1.00 59.85  ? 1   MET A C   1 
ATOM   4   O O   . MET A 1 1  ? -6.751  3.197   -7.816  1.00 69.59  ? 1   MET A O   1 
ATOM   5   C CB  . MET A 1 1  ? -9.713  2.543   -7.209  1.00 64.13  ? 1   MET A CB  1 
ATOM   6   C CG  . MET A 1 1  ? -11.200 2.399   -7.294  1.00 64.72  ? 1   MET A CG  1 
ATOM   7   S SD  . MET A 1 1  ? -11.760 1.493   -5.865  1.00 71.27  ? 1   MET A SD  1 
ATOM   8   C CE  . MET A 1 1  ? -13.521 1.405   -6.254  1.00 82.00  ? 1   MET A CE  1 
ATOM   9   N N   . GLU A 1 2  ? -7.840  5.065   -7.224  1.00 57.15  ? 2   GLU A N   1 
ATOM   10  C CA  . GLU A 1 2  ? -6.778  5.656   -6.503  1.00 50.65  ? 2   GLU A CA  1 
ATOM   11  C C   . GLU A 1 2  ? -7.008  5.329   -5.058  1.00 44.87  ? 2   GLU A C   1 
ATOM   12  O O   . GLU A 1 2  ? -8.137  5.138   -4.633  1.00 44.02  ? 2   GLU A O   1 
ATOM   13  C CB  . GLU A 1 2  ? -6.816  7.135   -6.768  1.00 54.39  ? 2   GLU A CB  1 
ATOM   14  C CG  . GLU A 1 2  ? -6.530  7.473   -8.245  1.00 61.23  ? 2   GLU A CG  1 
ATOM   15  C CD  . GLU A 1 2  ? -6.526  8.987   -8.550  1.00 64.05  ? 2   GLU A CD  1 
ATOM   16  O OE1 . GLU A 1 2  ? -7.315  9.695   -7.918  1.00 70.65  ? 2   GLU A OE1 1 
ATOM   17  O OE2 . GLU A 1 2  ? -5.780  9.484   -9.430  1.00 66.42  ? 2   GLU A OE2 1 
ATOM   18  N N   . TRP A 1 3  ? -5.933  5.271   -4.293  1.00 43.32  ? 3   TRP A N   1 
ATOM   19  C CA  . TRP A 1 3  ? -5.992  4.783   -2.938  1.00 39.14  ? 3   TRP A CA  1 
ATOM   20  C C   . TRP A 1 3  ? -5.244  5.763   -2.171  1.00 39.49  ? 3   TRP A C   1 
ATOM   21  O O   . TRP A 1 3  ? -4.250  6.217   -2.626  1.00 39.96  ? 3   TRP A O   1 
ATOM   22  C CB  . TRP A 1 3  ? -5.284  3.464   -2.861  1.00 42.36  ? 3   TRP A CB  1 
ATOM   23  C CG  . TRP A 1 3  ? -5.990  2.403   -3.662  1.00 51.15  ? 3   TRP A CG  1 
ATOM   24  C CD1 . TRP A 1 3  ? -5.734  2.017   -4.963  1.00 45.73  ? 3   TRP A CD1 1 
ATOM   25  C CD2 . TRP A 1 3  ? -7.140  1.621   -3.224  1.00 48.65  ? 3   TRP A CD2 1 
ATOM   26  N NE1 . TRP A 1 3  ? -6.667  1.065   -5.342  1.00 46.06  ? 3   TRP A NE1 1 
ATOM   27  C CE2 . TRP A 1 3  ? -7.514  0.797   -4.290  1.00 42.27  ? 3   TRP A CE2 1 
ATOM   28  C CE3 . TRP A 1 3  ? -7.851  1.527   -2.022  1.00 44.04  ? 3   TRP A CE3 1 
ATOM   29  C CZ2 . TRP A 1 3  ? -8.573  -0.084  -4.185  1.00 46.45  ? 3   TRP A CZ2 1 
ATOM   30  C CZ3 . TRP A 1 3  ? -8.905  0.659   -1.929  1.00 43.85  ? 3   TRP A CZ3 1 
ATOM   31  C CH2 . TRP A 1 3  ? -9.247  -0.152  -2.986  1.00 47.73  ? 3   TRP A CH2 1 
ATOM   32  N N   . LEU A 1 4  ? -5.694  6.060   -0.981  1.00 45.21  ? 4   LEU A N   1 
ATOM   33  C CA  . LEU A 1 4  ? -4.938  6.892   -0.080  1.00 54.13  ? 4   LEU A CA  1 
ATOM   34  C C   . LEU A 1 4  ? -4.277  6.007   0.964   1.00 50.84  ? 4   LEU A C   1 
ATOM   35  O O   . LEU A 1 4  ? -4.916  5.171   1.577   1.00 45.27  ? 4   LEU A O   1 
ATOM   36  C CB  . LEU A 1 4  ? -5.896  7.854   0.580   1.00 62.30  ? 4   LEU A CB  1 
ATOM   37  C CG  . LEU A 1 4  ? -5.604  9.345   0.407   1.00 74.92  ? 4   LEU A CG  1 
ATOM   38  C CD1 . LEU A 1 4  ? -4.415  9.643   -0.487  1.00 76.63  ? 4   LEU A CD1 1 
ATOM   39  C CD2 . LEU A 1 4  ? -6.834  10.050  -0.147  1.00 82.84  ? 4   LEU A CD2 1 
ATOM   40  N N   . VAL A 1 5  ? -2.992  6.151   1.156   1.00 42.39  ? 5   VAL A N   1 
ATOM   41  C CA  . VAL A 1 5  ? -2.335  5.363   2.173   1.00 46.46  ? 5   VAL A CA  1 
ATOM   42  C C   . VAL A 1 5  ? -2.686  5.886   3.542   1.00 46.95  ? 5   VAL A C   1 
ATOM   43  O O   . VAL A 1 5  ? -2.233  6.947   3.879   1.00 55.64  ? 5   VAL A O   1 
ATOM   44  C CB  . VAL A 1 5  ? -0.841  5.464   2.037   1.00 45.52  ? 5   VAL A CB  1 
ATOM   45  C CG1 . VAL A 1 5  ? -0.155  4.613   3.100   1.00 49.23  ? 5   VAL A CG1 1 
ATOM   46  C CG2 . VAL A 1 5  ? -0.438  5.090   0.619   1.00 51.25  ? 5   VAL A CG2 1 
ATOM   47  N N   . LYS A 1 6  ? -3.465  5.144   4.324   1.00 51.43  ? 6   LYS A N   1 
ATOM   48  C CA  . LYS A 1 6  ? -3.871  5.553   5.672   1.00 51.28  ? 6   LYS A CA  1 
ATOM   49  C C   . LYS A 1 6  ? -2.891  5.143   6.738   1.00 52.27  ? 6   LYS A C   1 
ATOM   50  O O   . LYS A 1 6  ? -2.843  5.795   7.744   1.00 64.18  ? 6   LYS A O   1 
ATOM   51  C CB  . LYS A 1 6  ? -5.228  4.988   6.050   1.00 54.66  ? 6   LYS A CB  1 
ATOM   52  C CG  . LYS A 1 6  ? -6.431  5.697   5.413   1.00 58.79  ? 6   LYS A CG  1 
ATOM   53  C CD  . LYS A 1 6  ? -6.586  7.122   5.922   1.00 72.61  ? 6   LYS A CD  1 
ATOM   54  C CE  . LYS A 1 6  ? -7.941  7.340   6.596   1.00 87.91  ? 6   LYS A CE  1 
ATOM   55  N NZ  . LYS A 1 6  ? -7.861  8.343   7.712   1.00 101.63 ? 6   LYS A NZ  1 
ATOM   56  N N   . LYS A 1 7  ? -2.140  4.070   6.538   1.00 54.18  ? 7   LYS A N   1 
ATOM   57  C CA  . LYS A 1 7  ? -1.163  3.587   7.506   1.00 47.96  ? 7   LYS A CA  1 
ATOM   58  C C   . LYS A 1 7  ? -0.125  2.826   6.788   1.00 50.94  ? 7   LYS A C   1 
ATOM   59  O O   . LYS A 1 7  ? -0.466  2.115   5.896   1.00 57.17  ? 7   LYS A O   1 
ATOM   60  C CB  . LYS A 1 7  ? -1.744  2.550   8.440   1.00 59.22  ? 7   LYS A CB  1 
ATOM   61  C CG  . LYS A 1 7  ? -2.983  2.913   9.226   1.00 67.26  ? 7   LYS A CG  1 
ATOM   62  C CD  . LYS A 1 7  ? -3.727  1.619   9.547   1.00 82.78  ? 7   LYS A CD  1 
ATOM   63  C CE  . LYS A 1 7  ? -4.805  1.789   10.603  1.00 102.32 ? 7   LYS A CE  1 
ATOM   64  N NZ  . LYS A 1 7  ? -4.241  1.579   11.966  1.00 121.85 ? 7   LYS A NZ  1 
ATOM   65  N N   . SER A 1 8  ? 1.119   2.897   7.257   1.00 62.96  ? 8   SER A N   1 
ATOM   66  C CA  . SER A 1 8  ? 2.317   2.220   6.690   1.00 66.60  ? 8   SER A CA  1 
ATOM   67  C C   . SER A 1 8  ? 3.078   1.421   7.768   1.00 70.19  ? 8   SER A C   1 
ATOM   68  O O   . SER A 1 8  ? 2.904   1.615   8.965   1.00 81.92  ? 8   SER A O   1 
ATOM   69  C CB  . SER A 1 8  ? 3.257   3.234   6.006   1.00 69.69  ? 8   SER A CB  1 
ATOM   70  O OG  . SER A 1 8  ? 4.462   2.647   5.563   1.00 77.42  ? 8   SER A OG  1 
ATOM   71  N N   . CYS A 1 9  ? 3.907   0.504   7.311   1.00 76.35  ? 9   CYS A N   1 
ATOM   72  C CA  . CYS A 1 9  ? 4.428   -0.594  8.121   1.00 93.80  ? 9   CYS A CA  1 
ATOM   73  C C   . CYS A 1 9  ? 5.566   -1.153  7.276   1.00 104.66 ? 9   CYS A C   1 
ATOM   74  O O   . CYS A 1 9  ? 5.425   -1.350  6.061   1.00 94.21  ? 9   CYS A O   1 
ATOM   75  C CB  . CYS A 1 9  ? 3.342   -1.664  8.344   1.00 108.63 ? 9   CYS A CB  1 
ATOM   76  S SG  . CYS A 1 9  ? 3.399   -2.573  9.928   1.00 121.07 ? 9   CYS A SG  1 
ATOM   77  N N   . CYS A 1 10 ? 6.696   -1.408  7.912   1.00 128.73 ? 10  CYS A N   1 
ATOM   78  C CA  . CYS A 1 10 ? 7.951   -1.429  7.187   1.00 132.54 ? 10  CYS A CA  1 
ATOM   79  C C   . CYS A 1 10 ? 8.581   -2.809  7.185   1.00 139.91 ? 10  CYS A C   1 
ATOM   80  O O   . CYS A 1 10 ? 8.085   -3.752  7.835   1.00 129.50 ? 10  CYS A O   1 
ATOM   81  C CB  . CYS A 1 10 ? 8.899   -0.383  7.788   1.00 132.25 ? 10  CYS A CB  1 
ATOM   82  S SG  . CYS A 1 10 ? 8.664   -0.133  9.572   1.00 143.97 ? 10  CYS A SG  1 
ATOM   83  N N   . ASN A 1 11 ? 9.658   -2.894  6.409   1.00 148.03 ? 11  ASN A N   1 
ATOM   84  C CA  . ASN A 1 11 ? 10.518  -4.064  6.335   1.00 160.77 ? 11  ASN A CA  1 
ATOM   85  C C   . ASN A 1 11 ? 11.935  -3.756  6.815   1.00 165.47 ? 11  ASN A C   1 
ATOM   86  O O   . ASN A 1 11 ? 12.526  -2.723  6.450   1.00 172.40 ? 11  ASN A O   1 
ATOM   87  C CB  . ASN A 1 11 ? 10.536  -4.647  4.908   1.00 160.55 ? 11  ASN A CB  1 
ATOM   88  C CG  . ASN A 1 11 ? 10.944  -3.638  3.806   1.00 149.19 ? 11  ASN A CG  1 
ATOM   89  O OD1 . ASN A 1 11 ? 10.521  -3.802  2.664   1.00 165.27 ? 11  ASN A OD1 1 
ATOM   90  N ND2 . ASN A 1 11 ? 11.770  -2.627  4.119   1.00 126.42 ? 11  ASN A ND2 1 
ATOM   91  N N   . LYS A 1 12 ? 12.482  -4.635  7.643   1.00 166.12 ? 12  LYS A N   1 
ATOM   92  C CA  . LYS A 1 12 ? 13.860  -4.449  8.087   1.00 179.49 ? 12  LYS A CA  1 
ATOM   93  C C   . LYS A 1 12 ? 14.929  -4.647  6.964   1.00 187.65 ? 12  LYS A C   1 
ATOM   94  O O   . LYS A 1 12 ? 15.886  -3.854  6.884   1.00 171.59 ? 12  LYS A O   1 
ATOM   95  C CB  . LYS A 1 12 ? 14.121  -5.305  9.328   1.00 174.19 ? 12  LYS A CB  1 
ATOM   96  C CG  . LYS A 1 12 ? 13.221  -4.938  10.498  1.00 159.34 ? 12  LYS A CG  1 
ATOM   97  C CD  . LYS A 1 12 ? 13.918  -5.200  11.823  1.00 154.89 ? 12  LYS A CD  1 
ATOM   98  C CE  . LYS A 1 12 ? 13.006  -4.893  12.997  1.00 147.91 ? 12  LYS A CE  1 
ATOM   99  N NZ  . LYS A 1 12 ? 13.490  -5.519  14.256  1.00 144.48 ? 12  LYS A NZ  1 
ATOM   100 N N   . GLN A 1 13 ? 14.773  -5.664  6.103   1.00 191.85 ? 13  GLN A N   1 
ATOM   101 C CA  . GLN A 1 13 ? 15.713  -5.872  4.959   1.00 173.08 ? 13  GLN A CA  1 
ATOM   102 C C   . GLN A 1 13 ? 15.079  -5.797  3.555   1.00 159.43 ? 13  GLN A C   1 
ATOM   103 O O   . GLN A 1 13 ? 15.784  -5.527  2.582   1.00 156.95 ? 13  GLN A O   1 
ATOM   104 C CB  . GLN A 1 13 ? 16.546  -7.168  5.100   1.00 170.34 ? 13  GLN A CB  1 
ATOM   105 C CG  . GLN A 1 13 ? 16.115  -8.136  6.198   1.00 177.92 ? 13  GLN A CG  1 
ATOM   106 C CD  . GLN A 1 13 ? 16.571  -7.710  7.602   1.00 174.79 ? 13  GLN A CD  1 
ATOM   107 O OE1 . GLN A 1 13 ? 16.203  -6.650  8.099   1.00 155.77 ? 13  GLN A OE1 1 
ATOM   108 N NE2 . GLN A 1 13 ? 17.368  -8.550  8.247   1.00 164.88 ? 13  GLN A NE2 1 
ATOM   109 N N   . ASP A 1 14 ? 13.763  -5.996  3.462   1.00 149.27 ? 14  ASP A N   1 
ATOM   110 C CA  . ASP A 1 14 ? 13.048  -6.003  2.169   1.00 131.90 ? 14  ASP A CA  1 
ATOM   111 C C   . ASP A 1 14 ? 12.813  -4.589  1.514   1.00 128.49 ? 14  ASP A C   1 
ATOM   112 O O   . ASP A 1 14 ? 13.120  -3.514  2.105   1.00 124.39 ? 14  ASP A O   1 
ATOM   113 C CB  . ASP A 1 14 ? 11.732  -6.855  2.224   1.00 127.06 ? 14  ASP A CB  1 
ATOM   114 C CG  . ASP A 1 14 ? 11.421  -7.490  3.615   1.00 125.58 ? 14  ASP A CG  1 
ATOM   115 O OD1 . ASP A 1 14 ? 10.679  -8.514  3.666   1.00 111.83 ? 14  ASP A OD1 1 
ATOM   116 O OD2 . ASP A 1 14 ? 11.873  -6.969  4.662   1.00 130.20 ? 14  ASP A OD2 1 
ATOM   117 N N   . ASN A 1 15 ? 12.302  -4.618  0.274   1.00 111.99 ? 15  ASN A N   1 
ATOM   118 C CA  . ASN A 1 15 ? 11.755  -3.415  -0.388  1.00 97.20  ? 15  ASN A CA  1 
ATOM   119 C C   . ASN A 1 15 ? 10.264  -3.226  -0.192  1.00 81.18  ? 15  ASN A C   1 
ATOM   120 O O   . ASN A 1 15 ? 9.667   -2.300  -0.687  1.00 74.02  ? 15  ASN A O   1 
ATOM   121 C CB  . ASN A 1 15 ? 12.008  -3.486  -1.875  1.00 105.34 ? 15  ASN A CB  1 
ATOM   122 C CG  . ASN A 1 15 ? 12.960  -2.415  -2.371  1.00 121.81 ? 15  ASN A CG  1 
ATOM   123 O OD1 . ASN A 1 15 ? 13.355  -2.444  -3.532  1.00 128.66 ? 15  ASN A OD1 1 
ATOM   124 N ND2 . ASN A 1 15 ? 13.327  -1.455  -1.513  1.00 130.45 ? 15  ASN A ND2 1 
ATOM   125 N N   . ARG A 1 16 ? 9.691   -4.163  0.539   1.00 80.12  ? 16  ARG A N   1 
ATOM   126 C CA  . ARG A 1 16 ? 8.290   -4.212  0.870   1.00 83.24  ? 16  ARG A CA  1 
ATOM   127 C C   . ARG A 1 16 ? 7.772   -3.283  1.979   1.00 82.80  ? 16  ARG A C   1 
ATOM   128 O O   . ARG A 1 16 ? 8.515   -2.916  2.866   1.00 101.16 ? 16  ARG A O   1 
ATOM   129 C CB  . ARG A 1 16 ? 7.977   -5.651  1.288   1.00 88.04  ? 16  ARG A CB  1 
ATOM   130 C CG  . ARG A 1 16 ? 7.929   -6.621  0.131   1.00 88.29  ? 16  ARG A CG  1 
ATOM   131 C CD  . ARG A 1 16 ? 9.286   -6.947  -0.413  1.00 91.96  ? 16  ARG A CD  1 
ATOM   132 N NE  . ARG A 1 16 ? 9.179   -8.196  -1.153  1.00 104.99 ? 16  ARG A NE  1 
ATOM   133 C CZ  . ARG A 1 16 ? 9.891   -8.506  -2.233  1.00 113.24 ? 16  ARG A CZ  1 
ATOM   134 N NH1 . ARG A 1 16 ? 9.709   -9.685  -2.826  1.00 117.17 ? 16  ARG A NH1 1 
ATOM   135 N NH2 . ARG A 1 16 ? 10.786  -7.654  -2.726  1.00 114.76 ? 16  ARG A NH2 1 
ATOM   136 N N   . HIS A 1 17 ? 6.482   -2.919  1.906   1.00 77.80  ? 17  HIS A N   1 
ATOM   137 C CA  . HIS A 1 17 ? 5.736   -2.264  2.996   1.00 70.33  ? 17  HIS A CA  1 
ATOM   138 C C   . HIS A 1 17 ? 4.481   -3.022  3.096   1.00 54.60  ? 17  HIS A C   1 
ATOM   139 O O   . HIS A 1 17 ? 4.163   -3.746  2.175   1.00 64.24  ? 17  HIS A O   1 
ATOM   140 C CB  . HIS A 1 17 ? 5.316   -0.838  2.649   1.00 80.16  ? 17  HIS A CB  1 
ATOM   141 C CG  . HIS A 1 17 ? 6.441   0.122   2.464   1.00 98.23  ? 17  HIS A CG  1 
ATOM   142 N ND1 . HIS A 1 17 ? 7.013   0.369   1.231   1.00 103.09 ? 17  HIS A ND1 1 
ATOM   143 C CD2 . HIS A 1 17 ? 7.062   0.943   3.346   1.00 110.87 ? 17  HIS A CD2 1 
ATOM   144 C CE1 . HIS A 1 17 ? 7.960   1.281   1.369   1.00 122.27 ? 17  HIS A CE1 1 
ATOM   145 N NE2 . HIS A 1 17 ? 8.008   1.647   2.640   1.00 126.03 ? 17  HIS A NE2 1 
ATOM   146 N N   . VAL A 1 18 ? 3.769   -2.864  4.204   1.00 54.24  ? 18  VAL A N   1 
ATOM   147 C CA  . VAL A 1 18 ? 2.386   -3.317  4.308   1.00 52.97  ? 18  VAL A CA  1 
ATOM   148 C C   . VAL A 1 18 ? 1.655   -2.035  4.545   1.00 57.49  ? 18  VAL A C   1 
ATOM   149 O O   . VAL A 1 18 ? 2.120   -1.220  5.331   1.00 53.42  ? 18  VAL A O   1 
ATOM   150 C CB  . VAL A 1 18 ? 2.106   -4.345  5.410   1.00 50.77  ? 18  VAL A CB  1 
ATOM   151 C CG1 . VAL A 1 18 ? 0.626   -4.776  5.430   1.00 56.07  ? 18  VAL A CG1 1 
ATOM   152 C CG2 . VAL A 1 18 ? 2.910   -5.588  5.127   1.00 60.68  ? 18  VAL A CG2 1 
ATOM   153 N N   . LEU A 1 19 ? 0.541   -1.842  3.824   1.00 58.40  ? 19  LEU A N   1 
ATOM   154 C CA  . LEU A 1 19 ? -0.133  -0.563  3.768   1.00 49.59  ? 19  LEU A CA  1 
ATOM   155 C C   . LEU A 1 19 ? -1.596  -0.747  4.025   1.00 46.12  ? 19  LEU A C   1 
ATOM   156 O O   . LEU A 1 19 ? -2.184  -1.665  3.557   1.00 55.30  ? 19  LEU A O   1 
ATOM   157 C CB  . LEU A 1 19 ? 0.038   0.072   2.388   1.00 48.55  ? 19  LEU A CB  1 
ATOM   158 C CG  . LEU A 1 19 ? 1.420   0.402   1.872   1.00 45.32  ? 19  LEU A CG  1 
ATOM   159 C CD1 . LEU A 1 19 ? 1.211   0.926   0.478   1.00 45.77  ? 19  LEU A CD1 1 
ATOM   160 C CD2 . LEU A 1 19 ? 2.224   1.406   2.694   1.00 45.36  ? 19  LEU A CD2 1 
ATOM   161 N N   . MET A 1 20 ? -2.178  0.136   4.787   1.00 49.08  ? 20  MET A N   1 
ATOM   162 C CA  . MET A 1 20 ? -3.577  0.199   4.867   1.00 54.65  ? 20  MET A CA  1 
ATOM   163 C C   . MET A 1 20 ? -3.926  1.341   3.910   1.00 52.08  ? 20  MET A C   1 
ATOM   164 O O   . MET A 1 20 ? -3.283  2.355   3.889   1.00 52.95  ? 20  MET A O   1 
ATOM   165 C CB  . MET A 1 20 ? -4.004  0.461   6.306   1.00 56.82  ? 20  MET A CB  1 
ATOM   166 C CG  . MET A 1 20 ? -5.427  0.033   6.638   1.00 64.61  ? 20  MET A CG  1 
ATOM   167 S SD  . MET A 1 20 ? -6.718  1.274   6.372   1.00 82.81  ? 20  MET A SD  1 
ATOM   168 C CE  . MET A 1 20 ? -6.905  1.895   8.039   1.00 81.02  ? 20  MET A CE  1 
ATOM   169 N N   . LEU A 1 21 ? -4.907  1.118   3.066   1.00 52.84  ? 21  LEU A N   1 
ATOM   170 C CA  . LEU A 1 21 ? -5.250  2.007   1.973   1.00 51.98  ? 21  LEU A CA  1 
ATOM   171 C C   . LEU A 1 21 ? -6.736  2.213   2.048   1.00 47.87  ? 21  LEU A C   1 
ATOM   172 O O   . LEU A 1 21 ? -7.427  1.344   2.449   1.00 57.12  ? 21  LEU A O   1 
ATOM   173 C CB  . LEU A 1 21 ? -4.950  1.319   0.665   1.00 50.22  ? 21  LEU A CB  1 
ATOM   174 C CG  . LEU A 1 21 ? -3.542  0.899   0.356   1.00 50.61  ? 21  LEU A CG  1 
ATOM   175 C CD1 . LEU A 1 21 ? -3.664  -0.011  -0.840  1.00 51.32  ? 21  LEU A CD1 1 
ATOM   176 C CD2 . LEU A 1 21 ? -2.632  2.094   0.066   1.00 48.96  ? 21  LEU A CD2 1 
ATOM   177 N N   . CYS A 1 22 ? -7.264  3.359   1.728   1.00 48.37  ? 22  CYS A N   1 
ATOM   178 C CA  . CYS A 1 22 ? -8.676  3.385   1.522   1.00 54.50  ? 22  CYS A CA  1 
ATOM   179 C C   . CYS A 1 22 ? -8.995  4.191   0.265   1.00 53.42  ? 22  CYS A C   1 
ATOM   180 O O   . CYS A 1 22 ? -8.255  5.090   -0.075  1.00 58.91  ? 22  CYS A O   1 
ATOM   181 C CB  . CYS A 1 22 ? -9.379  3.885   2.744   1.00 56.93  ? 22  CYS A CB  1 
ATOM   182 S SG  . CYS A 1 22 ? -9.467  5.659   2.781   1.00 73.00  ? 22  CYS A SG  1 
ATOM   183 N N   . ASP A 1 23 ? -10.063 3.798   -0.434  1.00 59.34  ? 23  ASP A N   1 
ATOM   184 C CA  . ASP A 1 23 ? -10.589 4.477   -1.615  1.00 63.76  ? 23  ASP A CA  1 
ATOM   185 C C   . ASP A 1 23 ? -11.136 5.912   -1.259  1.00 72.69  ? 23  ASP A C   1 
ATOM   186 O O   . ASP A 1 23 ? -11.406 6.200   -0.103  1.00 80.07  ? 23  ASP A O   1 
ATOM   187 C CB  . ASP A 1 23 ? -11.551 3.504   -2.403  1.00 58.56  ? 23  ASP A CB  1 
ATOM   188 C CG  . ASP A 1 23 ? -13.038 3.681   -2.109  1.00 68.56  ? 23  ASP A CG  1 
ATOM   189 O OD1 . ASP A 1 23 ? -13.847 3.573   -3.069  1.00 79.81  ? 23  ASP A OD1 1 
ATOM   190 O OD2 . ASP A 1 23 ? -13.449 3.906   -0.946  1.00 80.97  ? 23  ASP A OD2 1 
ATOM   191 N N   . ALA A 1 24 ? -11.201 6.834   -2.237  1.00 89.67  ? 24  ALA A N   1 
ATOM   192 C CA  . ALA A 1 24 ? -11.823 8.180   -2.076  1.00 73.06  ? 24  ALA A CA  1 
ATOM   193 C C   . ALA A 1 24 ? -13.306 8.037   -1.958  1.00 76.38  ? 24  ALA A C   1 
ATOM   194 O O   . ALA A 1 24 ? -14.014 7.757   -2.918  1.00 86.17  ? 24  ALA A O   1 
ATOM   195 C CB  . ALA A 1 24 ? -11.542 9.028   -3.278  1.00 88.87  ? 24  ALA A CB  1 
ATOM   196 N N   . GLY A 1 25 ? -13.818 8.262   -0.788  1.00 86.28  ? 25  GLY A N   1 
ATOM   197 C CA  . GLY A 1 25 ? -15.103 7.673   -0.500  1.00 91.06  ? 25  GLY A CA  1 
ATOM   198 C C   . GLY A 1 25 ? -14.916 6.944   0.804   0.85 100.21 ? 25  GLY A C   1 
ATOM   199 O O   . GLY A 1 25 ? -15.725 7.087   1.732   0.50 65.83  ? 25  GLY A O   1 
ATOM   200 N N   . GLY A 1 26 ? -13.821 6.185   0.869   1.00 92.00  ? 26  GLY A N   1 
ATOM   201 C CA  . GLY A 1 26 ? -13.405 5.437   2.064   1.00 85.08  ? 26  GLY A CA  1 
ATOM   202 C C   . GLY A 1 26 ? -14.420 4.381   2.448   1.00 86.63  ? 26  GLY A C   1 
ATOM   203 O O   . GLY A 1 26 ? -14.429 3.882   3.592   1.00 85.09  ? 26  GLY A O   1 
ATOM   204 N N   . ALA A 1 27 ? -15.285 4.054   1.495   1.00 74.56  ? 27  ALA A N   1 
ATOM   205 C CA  . ALA A 1 27 ? -16.144 2.912   1.627   1.00 76.62  ? 27  ALA A CA  1 
ATOM   206 C C   . ALA A 1 27 ? -15.273 1.692   1.914   1.00 59.75  ? 27  ALA A C   1 
ATOM   207 O O   . ALA A 1 27 ? -15.483 0.988   2.869   1.00 69.19  ? 27  ALA A O   1 
ATOM   208 C CB  . ALA A 1 27 ? -16.925 2.737   0.323   1.00 92.97  ? 27  ALA A CB  1 
ATOM   209 N N   . ILE A 1 28 ? -14.235 1.550   1.113   1.00 56.33  ? 28  ILE A N   1 
ATOM   210 C CA  . ILE A 1 28 ? -13.403 0.382   0.997   1.00 54.92  ? 28  ILE A CA  1 
ATOM   211 C C   . ILE A 1 28 ? -12.002 0.617   1.548   1.00 51.74  ? 28  ILE A C   1 
ATOM   212 O O   . ILE A 1 28 ? -11.346 1.512   1.133   1.00 52.93  ? 28  ILE A O   1 
ATOM   213 C CB  . ILE A 1 28 ? -13.293 0.037   -0.478  1.00 52.18  ? 28  ILE A CB  1 
ATOM   214 C CG1 . ILE A 1 28 ? -14.699 -0.084  -1.049  1.00 59.92  ? 28  ILE A CG1 1 
ATOM   215 C CG2 . ILE A 1 28 ? -12.552 -1.264  -0.643  1.00 57.18  ? 28  ILE A CG2 1 
ATOM   216 C CD1 . ILE A 1 28 ? -14.801 0.036   -2.544  1.00 64.46  ? 28  ILE A CD1 1 
ATOM   217 N N   . LYS A 1 29 ? -11.559 -0.206  2.492   1.00 52.75  ? 29  LYS A N   1 
ATOM   218 C CA  . LYS A 1 29 ? -10.262 -0.103  3.101   1.00 48.49  ? 29  LYS A CA  1 
ATOM   219 C C   . LYS A 1 29 ? -9.626  -1.441  2.870   1.00 48.06  ? 29  LYS A C   1 
ATOM   220 O O   . LYS A 1 29 ? -10.313 -2.419  2.921   1.00 56.52  ? 29  LYS A O   1 
ATOM   221 C CB  . LYS A 1 29 ? -10.417 0.156   4.580   1.00 53.93  ? 29  LYS A CB  1 
ATOM   222 C CG  . LYS A 1 29 ? -11.448 1.214   4.885   1.00 67.24  ? 29  LYS A CG  1 
ATOM   223 C CD  . LYS A 1 29 ? -11.256 1.817   6.264   1.00 76.49  ? 29  LYS A CD  1 
ATOM   224 C CE  . LYS A 1 29 ? -12.313 2.878   6.579   1.00 92.09  ? 29  LYS A CE  1 
ATOM   225 N NZ  . LYS A 1 29 ? -11.879 4.289   6.270   1.00 103.92 ? 29  LYS A NZ  1 
ATOM   226 N N   . MET A 1 30 ? -8.339  -1.492  2.563   1.00 49.29  ? 30  MET A N   1 
ATOM   227 C CA  . MET A 1 30 ? -7.682  -2.709  2.143   1.00 47.49  ? 30  MET A CA  1 
ATOM   228 C C   . MET A 1 30 ? -6.389  -2.701  2.894   1.00 49.67  ? 30  MET A C   1 
ATOM   229 O O   . MET A 1 30 ? -5.988  -1.692  3.398   1.00 46.08  ? 30  MET A O   1 
ATOM   230 C CB  . MET A 1 30 ? -7.368  -2.736  0.640   1.00 52.76  ? 30  MET A CB  1 
ATOM   231 C CG  . MET A 1 30 ? -8.562  -2.695  -0.285  1.00 55.11  ? 30  MET A CG  1 
ATOM   232 S SD  . MET A 1 30 ? -9.583  -4.195  -0.423  1.00 62.67  ? 30  MET A SD  1 
ATOM   233 C CE  . MET A 1 30 ? -8.464  -5.197  -1.363  1.00 59.49  ? 30  MET A CE  1 
ATOM   234 N N   . ILE A 1 31 ? -5.778  -3.859  3.005   1.00 48.71  ? 31  ILE A N   1 
ATOM   235 C CA  . ILE A 1 31 ? -4.457  -3.991  3.496   1.00 47.46  ? 31  ILE A CA  1 
ATOM   236 C C   . ILE A 1 31 ? -3.734  -4.494  2.289   1.00 46.86  ? 31  ILE A C   1 
ATOM   237 O O   . ILE A 1 31 ? -4.246  -5.348  1.584   1.00 50.71  ? 31  ILE A O   1 
ATOM   238 C CB  . ILE A 1 31 ? -4.376  -5.057  4.602   1.00 50.97  ? 31  ILE A CB  1 
ATOM   239 C CG1 . ILE A 1 31 ? -5.246  -4.602  5.735   1.00 53.33  ? 31  ILE A CG1 1 
ATOM   240 C CG2 . ILE A 1 31 ? -2.907  -5.280  5.035   1.00 54.78  ? 31  ILE A CG2 1 
ATOM   241 C CD1 . ILE A 1 31 ? -5.430  -5.588  6.855   1.00 57.23  ? 31  ILE A CD1 1 
ATOM   242 N N   . ALA A 1 32 ? -2.531  -4.001  2.057   1.00 48.74  ? 32  ALA A N   1 
ATOM   243 C CA  . ALA A 1 32 ? -1.810  -4.402  0.879   1.00 48.37  ? 32  ALA A CA  1 
ATOM   244 C C   . ALA A 1 32 ? -0.346  -4.523  1.158   1.00 47.05  ? 32  ALA A C   1 
ATOM   245 O O   . ALA A 1 32 ? 0.217   -3.697  1.792   1.00 48.43  ? 32  ALA A O   1 
ATOM   246 C CB  . ALA A 1 32 ? -2.073  -3.438  -0.261  1.00 50.16  ? 32  ALA A CB  1 
ATOM   247 N N   . GLU A 1 33 ? 0.235   -5.569  0.609   1.00 52.07  ? 33  GLU A N   1 
ATOM   248 C CA  . GLU A 1 33 ? 1.619   -5.841  0.662   1.00 57.10  ? 33  GLU A CA  1 
ATOM   249 C C   . GLU A 1 33 ? 2.174   -5.349  -0.677  1.00 60.83  ? 33  GLU A C   1 
ATOM   250 O O   . GLU A 1 33 ? 1.734   -5.790  -1.753  1.00 49.95  ? 33  GLU A O   1 
ATOM   251 C CB  . GLU A 1 33 ? 1.760   -7.338  0.822   1.00 70.67  ? 33  GLU A CB  1 
ATOM   252 C CG  . GLU A 1 33 ? 3.081   -7.863  1.353   1.00 87.11  ? 33  GLU A CG  1 
ATOM   253 C CD  . GLU A 1 33 ? 2.923   -9.286  1.921   1.00 114.46 ? 33  GLU A CD  1 
ATOM   254 O OE1 . GLU A 1 33 ? 3.194   -10.279 1.177   1.00 117.47 ? 33  GLU A OE1 1 
ATOM   255 O OE2 . GLU A 1 33 ? 2.492   -9.414  3.105   1.00 123.87 ? 33  GLU A OE2 1 
ATOM   256 N N   . VAL A 1 34 ? 3.110   -4.398  -0.622  1.00 56.53  ? 34  VAL A N   1 
ATOM   257 C CA  . VAL A 1 34 ? 3.574   -3.756  -1.825  1.00 52.16  ? 34  VAL A CA  1 
ATOM   258 C C   . VAL A 1 34 ? 5.077   -3.837  -1.870  1.00 51.41  ? 34  VAL A C   1 
ATOM   259 O O   . VAL A 1 34 ? 5.679   -4.152  -0.913  1.00 52.85  ? 34  VAL A O   1 
ATOM   260 C CB  . VAL A 1 34 ? 3.104   -2.272  -1.962  1.00 49.99  ? 34  VAL A CB  1 
ATOM   261 C CG1 . VAL A 1 34 ? 1.614   -2.129  -1.754  1.00 46.97  ? 34  VAL A CG1 1 
ATOM   262 C CG2 . VAL A 1 34 ? 3.829   -1.375  -1.002  1.00 53.96  ? 34  VAL A CG2 1 
ATOM   263 N N   . LYS A 1 35 ? 5.645   -3.531  -3.014  1.00 51.50  ? 35  LYS A N   1 
ATOM   264 C CA  . LYS A 1 35 ? 7.044   -3.475  -3.182  1.00 54.98  ? 35  LYS A CA  1 
ATOM   265 C C   . LYS A 1 35 ? 7.350   -2.204  -3.980  1.00 53.26  ? 35  LYS A C   1 
ATOM   266 O O   . LYS A 1 35 ? 6.735   -1.969  -5.011  1.00 55.47  ? 35  LYS A O   1 
ATOM   267 C CB  . LYS A 1 35 ? 7.436   -4.692  -3.990  1.00 62.12  ? 35  LYS A CB  1 
ATOM   268 C CG  . LYS A 1 35 ? 8.914   -4.872  -4.137  1.00 64.32  ? 35  LYS A CG  1 
ATOM   269 C CD  . LYS A 1 35 ? 9.252   -5.717  -5.359  1.00 77.10  ? 35  LYS A CD  1 
ATOM   270 C CE  . LYS A 1 35 ? 10.701  -6.214  -5.344  1.00 80.29  ? 35  LYS A CE  1 
ATOM   271 N NZ  . LYS A 1 35 ? 11.664  -5.288  -4.670  1.00 83.34  ? 35  LYS A NZ  1 
ATOM   272 N N   . SER A 1 36 ? 8.303   -1.404  -3.525  1.00 53.57  ? 36  SER A N   1 
ATOM   273 C CA  . SER A 1 36 ? 8.688   -0.211  -4.272  1.00 56.34  ? 36  SER A CA  1 
ATOM   274 C C   . SER A 1 36 ? 10.105  0.113   -3.987  1.00 58.04  ? 36  SER A C   1 
ATOM   275 O O   . SER A 1 36 ? 10.602  -0.177  -2.913  1.00 62.94  ? 36  SER A O   1 
ATOM   276 C CB  . SER A 1 36 ? 7.872   1.024   -3.812  1.00 58.48  ? 36  SER A CB  1 
ATOM   277 O OG  . SER A 1 36 ? 8.208   2.190   -4.569  1.00 60.59  ? 36  SER A OG  1 
ATOM   278 N N   . ASP A 1 37 ? 10.733  0.790   -4.920  1.00 61.67  ? 37  ASP A N   1 
ATOM   279 C CA  . ASP A 1 37 ? 12.027  1.406   -4.656  1.00 67.80  ? 37  ASP A CA  1 
ATOM   280 C C   . ASP A 1 37 ? 11.874  2.806   -4.020  1.00 69.13  ? 37  ASP A C   1 
ATOM   281 O O   . ASP A 1 37 ? 12.846  3.359   -3.531  1.00 76.45  ? 37  ASP A O   1 
ATOM   282 C CB  . ASP A 1 37 ? 12.869  1.493   -5.943  1.00 74.16  ? 37  ASP A CB  1 
ATOM   283 C CG  . ASP A 1 37 ? 13.189  0.118   -6.551  1.00 77.38  ? 37  ASP A CG  1 
ATOM   284 O OD1 . ASP A 1 37 ? 13.387  -0.850  -5.792  1.00 87.38  ? 37  ASP A OD1 1 
ATOM   285 O OD2 . ASP A 1 37 ? 13.249  0.011   -7.795  1.00 74.02  ? 37  ASP A OD2 1 
ATOM   286 N N   . PHE A 1 38 ? 10.669  3.361   -3.995  1.00 64.27  ? 38  PHE A N   1 
ATOM   287 C CA  . PHE A 1 38 ? 10.457  4.668   -3.413  1.00 60.12  ? 38  PHE A CA  1 
ATOM   288 C C   . PHE A 1 38 ? 9.619   4.574   -2.200  1.00 66.07  ? 38  PHE A C   1 
ATOM   289 O O   . PHE A 1 38 ? 8.884   3.628   -2.014  1.00 76.00  ? 38  PHE A O   1 
ATOM   290 C CB  . PHE A 1 38 ? 9.759   5.573   -4.389  1.00 59.96  ? 38  PHE A CB  1 
ATOM   291 C CG  . PHE A 1 38 ? 10.463  5.670   -5.675  1.00 60.47  ? 38  PHE A CG  1 
ATOM   292 C CD1 . PHE A 1 38 ? 10.303  4.699   -6.611  1.00 60.04  ? 38  PHE A CD1 1 
ATOM   293 C CD2 . PHE A 1 38 ? 11.331  6.694   -5.918  1.00 64.28  ? 38  PHE A CD2 1 
ATOM   294 C CE1 . PHE A 1 38 ? 10.959  4.760   -7.812  1.00 64.35  ? 38  PHE A CE1 1 
ATOM   295 C CE2 . PHE A 1 38 ? 12.006  6.772   -7.116  1.00 65.13  ? 38  PHE A CE2 1 
ATOM   296 C CZ  . PHE A 1 38 ? 11.823  5.802   -8.067  1.00 66.48  ? 38  PHE A CZ  1 
ATOM   297 N N   . ALA A 1 39 ? 9.709   5.607   -1.381  1.00 73.89  ? 39  ALA A N   1 
ATOM   298 C CA  . ALA A 1 39 ? 8.996   5.633   -0.126  1.00 75.51  ? 39  ALA A CA  1 
ATOM   299 C C   . ALA A 1 39 ? 7.575   6.087   -0.322  1.00 66.18  ? 39  ALA A C   1 
ATOM   300 O O   . ALA A 1 39 ? 7.291   7.063   -0.997  1.00 68.18  ? 39  ALA A O   1 
ATOM   301 C CB  . ALA A 1 39 ? 9.694   6.559   0.857   1.00 85.50  ? 39  ALA A CB  1 
ATOM   302 N N   . VAL A 1 40 ? 6.684   5.385   0.326   1.00 63.18  ? 40  VAL A N   1 
ATOM   303 C CA  . VAL A 1 40 ? 5.328   5.777   0.304   1.00 63.48  ? 40  VAL A CA  1 
ATOM   304 C C   . VAL A 1 40 ? 5.013   5.968   1.739   1.00 60.49  ? 40  VAL A C   1 
ATOM   305 O O   . VAL A 1 40 ? 5.261   5.093   2.524   1.00 70.59  ? 40  VAL A O   1 
ATOM   306 C CB  . VAL A 1 40 ? 4.434   4.683   -0.317  1.00 62.44  ? 40  VAL A CB  1 
ATOM   307 C CG1 . VAL A 1 40 ? 5.298   3.555   -0.857  1.00 57.51  ? 40  VAL A CG1 1 
ATOM   308 C CG2 . VAL A 1 40 ? 3.402   4.193   0.668   1.00 64.83  ? 40  VAL A CG2 1 
ATOM   309 N N   . LYS A 1 41 ? 4.434   7.102   2.062   1.00 59.07  ? 41  LYS A N   1 
ATOM   310 C CA  . LYS A 1 41 ? 4.260   7.522   3.410   1.00 59.98  ? 41  LYS A CA  1 
ATOM   311 C C   . LYS A 1 41 ? 2.838   7.875   3.533   1.00 59.81  ? 41  LYS A C   1 
ATOM   312 O O   . LYS A 1 41 ? 2.196   8.191   2.565   1.00 66.52  ? 41  LYS A O   1 
ATOM   313 C CB  . LYS A 1 41 ? 5.133   8.755   3.663   1.00 74.07  ? 41  LYS A CB  1 
ATOM   314 C CG  . LYS A 1 41 ? 4.854   9.459   4.994   1.00 96.23  ? 41  LYS A CG  1 
ATOM   315 C CD  . LYS A 1 41 ? 5.782   9.030   6.145   1.00 94.36  ? 41  LYS A CD  1 
ATOM   316 C CE  . LYS A 1 41 ? 5.006   8.700   7.414   1.00 87.77  ? 41  LYS A CE  1 
ATOM   317 N NZ  . LYS A 1 41 ? 4.628   7.258   7.412   1.00 83.22  ? 41  LYS A NZ  1 
ATOM   318 N N   . VAL A 1 42 ? 2.313   7.833   4.724   1.00 59.58  ? 42  VAL A N   1 
ATOM   319 C CA  . VAL A 1 42 ? 0.909   8.074   4.896   1.00 52.31  ? 42  VAL A CA  1 
ATOM   320 C C   . VAL A 1 42 ? 0.580   9.443   4.330   1.00 56.30  ? 42  VAL A C   1 
ATOM   321 O O   . VAL A 1 42 ? 1.411   10.364  4.341   1.00 51.29  ? 42  VAL A O   1 
ATOM   322 C CB  . VAL A 1 42 ? 0.393   7.789   6.342   1.00 53.16  ? 42  VAL A CB  1 
ATOM   323 C CG1 . VAL A 1 42 ? 1.519   7.444   7.249   1.00 62.62  ? 42  VAL A CG1 1 
ATOM   324 C CG2 . VAL A 1 42 ? -0.409  8.913   6.913   1.00 59.78  ? 42  VAL A CG2 1 
ATOM   325 N N   . GLY A 1 43 ? -0.644  9.497   3.775   1.00 53.56  ? 43  GLY A N   1 
ATOM   326 C CA  . GLY A 1 43 ? -1.197  10.634  3.068   1.00 47.08  ? 43  GLY A CA  1 
ATOM   327 C C   . GLY A 1 43 ? -0.781  10.673  1.621   1.00 51.54  ? 43  GLY A C   1 
ATOM   328 O O   . GLY A 1 43 ? -1.142  11.618  0.936   1.00 54.34  ? 43  GLY A O   1 
ATOM   329 N N   . ASP A 1 44 ? -0.007  9.684   1.161   1.00 47.67  ? 44  ASP A N   1 
ATOM   330 C CA  . ASP A 1 44 ? 0.225   9.464   -0.259  1.00 44.44  ? 44  ASP A CA  1 
ATOM   331 C C   . ASP A 1 44 ? -0.977  8.874   -1.027  1.00 44.23  ? 44  ASP A C   1 
ATOM   332 O O   . ASP A 1 44 ? -1.863  8.182   -0.508  1.00 40.66  ? 44  ASP A O   1 
ATOM   333 C CB  . ASP A 1 44 ? 1.466   8.640   -0.489  1.00 50.41  ? 44  ASP A CB  1 
ATOM   334 C CG  . ASP A 1 44 ? 2.744   9.414   -0.152  1.00 65.26  ? 44  ASP A CG  1 
ATOM   335 O OD1 . ASP A 1 44 ? 3.874   8.874   -0.271  1.00 78.15  ? 44  ASP A OD1 1 
ATOM   336 O OD2 . ASP A 1 44 ? 2.626   10.586  0.245   1.00 71.47  ? 44  ASP A OD2 1 
ATOM   337 N N   . LEU A 1 45 ? -1.026  9.266   -2.289  1.00 43.09  ? 45  LEU A N   1 
ATOM   338 C CA  . LEU A 1 45 ? -1.992  8.784   -3.224  1.00 45.85  ? 45  LEU A CA  1 
ATOM   339 C C   . LEU A 1 45 ? -1.273  7.743   -4.097  1.00 49.43  ? 45  LEU A C   1 
ATOM   340 O O   . LEU A 1 45 ? -0.196  8.003   -4.625  1.00 48.39  ? 45  LEU A O   1 
ATOM   341 C CB  . LEU A 1 45 ? -2.436  9.929   -4.125  1.00 45.23  ? 45  LEU A CB  1 
ATOM   342 C CG  . LEU A 1 45 ? -3.396  9.676   -5.278  1.00 44.35  ? 45  LEU A CG  1 
ATOM   343 C CD1 . LEU A 1 45 ? -4.764  9.528   -4.735  1.00 44.72  ? 45  LEU A CD1 1 
ATOM   344 C CD2 . LEU A 1 45 ? -3.379  10.824  -6.249  1.00 44.79  ? 45  LEU A CD2 1 
ATOM   345 N N   . LEU A 1 46 ? -1.914  6.595   -4.293  1.00 51.15  ? 46  LEU A N   1 
ATOM   346 C CA  . LEU A 1 46 ? -1.478  5.616   -5.300  1.00 51.73  ? 46  LEU A CA  1 
ATOM   347 C C   . LEU A 1 46 ? -2.460  5.523   -6.440  1.00 48.36  ? 46  LEU A C   1 
ATOM   348 O O   . LEU A 1 46 ? -3.610  5.243   -6.207  1.00 56.49  ? 46  LEU A O   1 
ATOM   349 C CB  . LEU A 1 46 ? -1.371  4.239   -4.679  1.00 50.33  ? 46  LEU A CB  1 
ATOM   350 C CG  . LEU A 1 46 ? -0.380  4.184   -3.541  1.00 51.53  ? 46  LEU A CG  1 
ATOM   351 C CD1 . LEU A 1 46 ? -0.657  2.899   -2.834  1.00 58.56  ? 46  LEU A CD1 1 
ATOM   352 C CD2 . LEU A 1 46 ? 1.043   4.239   -4.038  1.00 51.63  ? 46  LEU A CD2 1 
ATOM   353 N N   . SER A 1 47 ? -2.012  5.723   -7.668  1.00 49.01  ? 47  SER A N   1 
ATOM   354 C CA  . SER A 1 47 ? -2.916  5.779   -8.792  1.00 47.76  ? 47  SER A CA  1 
ATOM   355 C C   . SER A 1 47 ? -2.528  4.674   -9.714  1.00 49.03  ? 47  SER A C   1 
ATOM   356 O O   . SER A 1 47 ? -1.355  4.488   -9.967  1.00 53.63  ? 47  SER A O   1 
ATOM   357 C CB  . SER A 1 47 ? -2.745  7.113   -9.476  1.00 47.83  ? 47  SER A CB  1 
ATOM   358 O OG  . SER A 1 47 ? -1.930  7.956   -8.635  1.00 67.69  ? 47  SER A OG  1 
ATOM   359 N N   . PRO A 1 48 ? -3.510  3.940   -10.242 1.00 50.23  ? 48  PRO A N   1 
ATOM   360 C CA  . PRO A 1 48 ? -3.265  2.849   -11.177 1.00 52.17  ? 48  PRO A CA  1 
ATOM   361 C C   . PRO A 1 48 ? -2.548  3.277   -12.416 1.00 50.50  ? 48  PRO A C   1 
ATOM   362 O O   . PRO A 1 48 ? -2.902  4.287   -12.955 1.00 56.38  ? 48  PRO A O   1 
ATOM   363 C CB  . PRO A 1 48 ? -4.652  2.405   -11.562 1.00 49.89  ? 48  PRO A CB  1 
ATOM   364 C CG  . PRO A 1 48 ? -5.482  3.585   -11.308 1.00 52.84  ? 48  PRO A CG  1 
ATOM   365 C CD  . PRO A 1 48 ? -4.935  4.221   -10.100 1.00 52.73  ? 48  PRO A CD  1 
ATOM   366 N N   . LEU A 1 49 ? -1.520  2.537   -12.811 1.00 51.60  ? 49  LEU A N   1 
ATOM   367 C CA  . LEU A 1 49 ? -0.924  2.590   -14.162 1.00 56.15  ? 49  LEU A CA  1 
ATOM   368 C C   . LEU A 1 49 ? -1.376  1.406   -15.044 1.00 64.14  ? 49  LEU A C   1 
ATOM   369 O O   . LEU A 1 49 ? -1.851  1.552   -16.172 1.00 74.27  ? 49  LEU A O   1 
ATOM   370 C CB  . LEU A 1 49 ? 0.608   2.499   -14.095 1.00 50.67  ? 49  LEU A CB  1 
ATOM   371 C CG  . LEU A 1 49 ? 1.334   3.740   -13.610 1.00 52.91  ? 49  LEU A CG  1 
ATOM   372 C CD1 . LEU A 1 49 ? 2.816   3.502   -13.440 1.00 49.96  ? 49  LEU A CD1 1 
ATOM   373 C CD2 . LEU A 1 49 ? 1.101   4.857   -14.598 1.00 59.38  ? 49  LEU A CD2 1 
ATOM   374 N N   . GLN A 1 50 ? -1.183  0.229   -14.496 1.00 68.71  ? 50  GLN A N   1 
ATOM   375 C CA  . GLN A 1 50 ? -1.326  -1.012  -15.185 1.00 74.66  ? 50  GLN A CA  1 
ATOM   376 C C   . GLN A 1 50 ? -1.775  -2.047  -14.124 1.00 87.70  ? 50  GLN A C   1 
ATOM   377 O O   . GLN A 1 50 ? -2.330  -1.674  -13.061 1.00 99.32  ? 50  GLN A O   1 
ATOM   378 C CB  . GLN A 1 50 ? 0.006   -1.338  -15.816 1.00 74.55  ? 50  GLN A CB  1 
ATOM   379 C CG  . GLN A 1 50 ? 0.201   -2.792  -16.092 1.00 82.81  ? 50  GLN A CG  1 
ATOM   380 C CD  . GLN A 1 50 ? 1.317   -3.018  -17.022 1.00 85.97  ? 50  GLN A CD  1 
ATOM   381 O OE1 . GLN A 1 50 ? 2.198   -3.801  -16.724 1.00 89.41  ? 50  GLN A OE1 1 
ATOM   382 N NE2 . GLN A 1 50 ? 1.307   -2.331  -18.154 1.00 82.08  ? 50  GLN A NE2 1 
ATOM   383 N N   . ASN A 1 51 ? -1.590  -3.330  -14.406 1.00 88.26  ? 51  ASN A N   1 
ATOM   384 C CA  . ASN A 1 51 ? -2.197  -4.363  -13.600 1.00 90.84  ? 51  ASN A CA  1 
ATOM   385 C C   . ASN A 1 51 ? -1.320  -4.411  -12.399 1.00 82.56  ? 51  ASN A C   1 
ATOM   386 O O   . ASN A 1 51 ? -0.153  -4.747  -12.554 1.00 98.60  ? 51  ASN A O   1 
ATOM   387 C CB  . ASN A 1 51 ? -2.185  -5.738  -14.315 1.00 100.39 ? 51  ASN A CB  1 
ATOM   388 C CG  . ASN A 1 51 ? -3.298  -5.903  -15.361 1.00 99.99  ? 51  ASN A CG  1 
ATOM   389 O OD1 . ASN A 1 51 ? -4.107  -6.822  -15.246 1.00 100.13 ? 51  ASN A OD1 1 
ATOM   390 N ND2 . ASN A 1 51 ? -3.321  -5.047  -16.393 1.00 95.53  ? 51  ASN A ND2 1 
ATOM   391 N N   . ALA A 1 52 ? -1.828  -4.021  -11.226 1.00 72.23  ? 52  ALA A N   1 
ATOM   392 C CA  . ALA A 1 52 ? -1.011  -4.040  -9.984  1.00 62.50  ? 52  ALA A CA  1 
ATOM   393 C C   . ALA A 1 52 ? 0.230   -3.147  -9.995  1.00 55.98  ? 52  ALA A C   1 
ATOM   394 O O   . ALA A 1 52 ? 1.036   -3.235  -9.109  1.00 55.46  ? 52  ALA A O   1 
ATOM   395 C CB  . ALA A 1 52 ? -0.609  -5.452  -9.645  1.00 61.25  ? 52  ALA A CB  1 
ATOM   396 N N   . LEU A 1 53 ? 0.378   -2.291  -11.002 1.00 57.19  ? 53  LEU A N   1 
ATOM   397 C CA  . LEU A 1 53 ? 1.414   -1.280  -11.020 1.00 51.42  ? 53  LEU A CA  1 
ATOM   398 C C   . LEU A 1 53 ? 0.715   0.049   -10.790 1.00 48.41  ? 53  LEU A C   1 
ATOM   399 O O   . LEU A 1 53 ? -0.306  0.352   -11.395 1.00 47.65  ? 53  LEU A O   1 
ATOM   400 C CB  . LEU A 1 53 ? 2.175   -1.305  -12.336 1.00 52.88  ? 53  LEU A CB  1 
ATOM   401 C CG  . LEU A 1 53 ? 3.532   -0.660  -12.261 1.00 54.40  ? 53  LEU A CG  1 
ATOM   402 C CD1 . LEU A 1 53 ? 4.459   -1.359  -11.333 1.00 57.11  ? 53  LEU A CD1 1 
ATOM   403 C CD2 . LEU A 1 53 ? 4.174   -0.648  -13.610 1.00 60.40  ? 53  LEU A CD2 1 
ATOM   404 N N   . TYR A 1 54 ? 1.235   0.800   -9.828  1.00 50.97  ? 54  TYR A N   1 
ATOM   405 C CA  . TYR A 1 54 ? 0.643   2.041   -9.304  1.00 49.08  ? 54  TYR A CA  1 
ATOM   406 C C   . TYR A 1 54 ? 1.756   3.052   -9.286  1.00 46.92  ? 54  TYR A C   1 
ATOM   407 O O   . TYR A 1 54 ? 2.906   2.698   -9.356  1.00 51.79  ? 54  TYR A O   1 
ATOM   408 C CB  . TYR A 1 54 ? 0.078   1.823   -7.887  1.00 42.68  ? 54  TYR A CB  1 
ATOM   409 C CG  . TYR A 1 54 ? -1.259  1.123   -7.908  1.00 41.24  ? 54  TYR A CG  1 
ATOM   410 C CD1 . TYR A 1 54 ? -1.347  -0.218  -7.920  1.00 49.70  ? 54  TYR A CD1 1 
ATOM   411 C CD2 . TYR A 1 54 ? -2.427  1.813   -7.920  1.00 48.31  ? 54  TYR A CD2 1 
ATOM   412 C CE1 . TYR A 1 54 ? -2.571  -0.881  -7.959  1.00 42.91  ? 54  TYR A CE1 1 
ATOM   413 C CE2 . TYR A 1 54 ? -3.653  1.167   -7.955  1.00 47.46  ? 54  TYR A CE2 1 
ATOM   414 C CZ  . TYR A 1 54 ? -3.697  -0.199  -7.987  1.00 47.71  ? 54  TYR A CZ  1 
ATOM   415 O OH  . TYR A 1 54 ? -4.875  -0.911  -8.030  1.00 54.02  ? 54  TYR A OH  1 
ATOM   416 N N   . CYS A 1 55 ? 1.430   4.325   -9.268  1.00 52.08  ? 55  CYS A N   1 
ATOM   417 C CA  . CYS A 1 55 ? 2.441   5.306   -9.029  1.00 47.70  ? 55  CYS A CA  1 
ATOM   418 C C   . CYS A 1 55 ? 2.067   6.082   -7.774  1.00 43.90  ? 55  CYS A C   1 
ATOM   419 O O   . CYS A 1 55 ? 0.936   6.046   -7.326  1.00 49.16  ? 55  CYS A O   1 
ATOM   420 C CB  . CYS A 1 55 ? 2.654   6.182   -10.259 1.00 50.66  ? 55  CYS A CB  1 
ATOM   421 S SG  . CYS A 1 55 ? 1.221   6.997   -10.975 1.00 54.13  ? 55  CYS A SG  1 
ATOM   422 N N   . ILE A 1 56 ? 3.039   6.773   -7.211  1.00 48.02  ? 56  ILE A N   1 
ATOM   423 C CA  . ILE A 1 56 ? 2.901   7.483   -5.953  1.00 49.33  ? 56  ILE A CA  1 
ATOM   424 C C   . ILE A 1 56 ? 2.698   8.947   -6.281  1.00 44.49  ? 56  ILE A C   1 
ATOM   425 O O   . ILE A 1 56 ? 3.528   9.564   -6.951  1.00 44.99  ? 56  ILE A O   1 
ATOM   426 C CB  . ILE A 1 56 ? 4.162   7.259   -5.064  1.00 48.84  ? 56  ILE A CB  1 
ATOM   427 C CG1 . ILE A 1 56 ? 4.421   5.752   -4.856  1.00 47.52  ? 56  ILE A CG1 1 
ATOM   428 C CG2 . ILE A 1 56 ? 4.013   7.934   -3.696  1.00 48.47  ? 56  ILE A CG2 1 
ATOM   429 C CD1 . ILE A 1 56 ? 5.884   5.423   -4.633  1.00 48.40  ? 56  ILE A CD1 1 
ATOM   430 N N   . ASN A 1 57 ? 1.585   9.507   -5.841  1.00 47.96  ? 57  ASN A N   1 
ATOM   431 C CA  . ASN A 1 57 ? 1.322   10.973  -5.996  1.00 43.18  ? 57  ASN A CA  1 
ATOM   432 C C   . ASN A 1 57 ? 1.443   11.394  -7.463  1.00 46.21  ? 57  ASN A C   1 
ATOM   433 O O   . ASN A 1 57 ? 2.013   12.428  -7.834  1.00 50.31  ? 57  ASN A O   1 
ATOM   434 C CB  . ASN A 1 57 ? 2.278   11.780  -5.149  1.00 43.96  ? 57  ASN A CB  1 
ATOM   435 C CG  . ASN A 1 57 ? 2.084   11.566  -3.696  1.00 43.45  ? 57  ASN A CG  1 
ATOM   436 O OD1 . ASN A 1 57 ? 0.986   11.279  -3.222  1.00 45.68  ? 57  ASN A OD1 1 
ATOM   437 N ND2 . ASN A 1 57 ? 3.160   11.684  -2.969  1.00 43.58  ? 57  ASN A ND2 1 
ATOM   438 N N   . ARG A 1 58 ? 0.905   10.532  -8.294  1.00 53.48  ? 58  ARG A N   1 
ATOM   439 C CA  . ARG A 1 58 ? 0.781   10.739  -9.684  1.00 49.86  ? 58  ARG A CA  1 
ATOM   440 C C   . ARG A 1 58 ? 2.100   10.935  -10.360 1.00 54.90  ? 58  ARG A C   1 
ATOM   441 O O   . ARG A 1 58 ? 2.135   11.427  -11.467 1.00 64.05  ? 58  ARG A O   1 
ATOM   442 C CB  . ARG A 1 58 ? -0.205  11.857  -9.925  1.00 58.32  ? 58  ARG A CB  1 
ATOM   443 C CG  . ARG A 1 58 ? -1.579  11.300  -10.240 1.00 66.12  ? 58  ARG A CG  1 
ATOM   444 C CD  . ARG A 1 58 ? -2.750  12.137  -9.787  1.00 71.07  ? 58  ARG A CD  1 
ATOM   445 N NE  . ARG A 1 58 ? -3.555  12.522  -10.957 1.00 88.43  ? 58  ARG A NE  1 
ATOM   446 C CZ  . ARG A 1 58 ? -4.306  11.707  -11.691 1.00 89.17  ? 58  ARG A CZ  1 
ATOM   447 N NH1 . ARG A 1 58 ? -4.410  10.413  -11.389 1.00 85.82  ? 58  ARG A NH1 1 
ATOM   448 N NH2 . ARG A 1 58 ? -4.969  12.212  -12.735 1.00 101.02 ? 58  ARG A NH2 1 
ATOM   449 N N   . GLU A 1 59 ? 3.184   10.485  -9.730  1.00 55.79  ? 59  GLU A N   1 
ATOM   450 C CA  . GLU A 1 59 ? 4.493   10.465  -10.362 1.00 55.55  ? 59  GLU A CA  1 
ATOM   451 C C   . GLU A 1 59 ? 4.759   9.139   -11.020 1.00 52.51  ? 59  GLU A C   1 
ATOM   452 O O   . GLU A 1 59 ? 5.178   8.235   -10.358 1.00 53.05  ? 59  GLU A O   1 
ATOM   453 C CB  . GLU A 1 59 ? 5.556   10.664  -9.320  1.00 63.20  ? 59  GLU A CB  1 
ATOM   454 C CG  . GLU A 1 59 ? 5.524   12.039  -8.741  1.00 72.97  ? 59  GLU A CG  1 
ATOM   455 C CD  . GLU A 1 59 ? 6.709   12.273  -7.876  1.00 87.45  ? 59  GLU A CD  1 
ATOM   456 O OE1 . GLU A 1 59 ? 6.520   12.297  -6.629  1.00 110.99 ? 59  GLU A OE1 1 
ATOM   457 O OE2 . GLU A 1 59 ? 7.815   12.377  -8.464  1.00 100.37 ? 59  GLU A OE2 1 
ATOM   458 N N   . LYS A 1 60 ? 4.556   9.052   -12.332 1.00 57.95  ? 60  LYS A N   1 
ATOM   459 C CA  . LYS A 1 60 ? 4.640   7.788   -13.090 1.00 56.27  ? 60  LYS A CA  1 
ATOM   460 C C   . LYS A 1 60 ? 5.949   7.055   -12.902 1.00 57.40  ? 60  LYS A C   1 
ATOM   461 O O   . LYS A 1 60 ? 6.000   5.825   -12.978 1.00 65.34  ? 60  LYS A O   1 
ATOM   462 C CB  . LYS A 1 60 ? 4.502   8.064   -14.568 1.00 56.83  ? 60  LYS A CB  1 
ATOM   463 C CG  . LYS A 1 60 ? 3.099   8.394   -14.987 1.00 59.59  ? 60  LYS A CG  1 
ATOM   464 C CD  . LYS A 1 60 ? 3.089   8.800   -16.446 1.00 66.39  ? 60  LYS A CD  1 
ATOM   465 C CE  . LYS A 1 60 ? 1.748   9.386   -16.820 1.00 71.21  ? 60  LYS A CE  1 
ATOM   466 N NZ  . LYS A 1 60 ? 0.694   8.510   -16.258 1.00 71.83  ? 60  LYS A NZ  1 
ATOM   467 N N   . LEU A 1 61 ? 6.995   7.829   -12.675 1.00 56.92  ? 61  LEU A N   1 
ATOM   468 C CA  . LEU A 1 61 ? 8.337   7.335   -12.434 1.00 55.57  ? 61  LEU A CA  1 
ATOM   469 C C   . LEU A 1 61 ? 8.533   6.727   -11.059 1.00 62.00  ? 61  LEU A C   1 
ATOM   470 O O   . LEU A 1 61 ? 9.582   6.137   -10.807 1.00 62.75  ? 61  LEU A O   1 
ATOM   471 C CB  . LEU A 1 61 ? 9.321   8.491   -12.569 1.00 59.00  ? 61  LEU A CB  1 
ATOM   472 C CG  . LEU A 1 61 ? 10.369  8.457   -13.671 1.00 61.24  ? 61  LEU A CG  1 
ATOM   473 C CD1 . LEU A 1 61 ? 9.876   7.743   -14.907 1.00 60.79  ? 61  LEU A CD1 1 
ATOM   474 C CD2 . LEU A 1 61 ? 10.787  9.873   -13.977 1.00 62.93  ? 61  LEU A CD2 1 
ATOM   475 N N   . HIS A 1 62 ? 7.568   6.903   -10.153 1.00 59.93  ? 62  HIS A N   1 
ATOM   476 C CA  . HIS A 1 62 ? 7.688   6.359   -8.836  1.00 52.17  ? 62  HIS A CA  1 
ATOM   477 C C   . HIS A 1 62 ? 6.678   5.272   -8.681  1.00 52.83  ? 62  HIS A C   1 
ATOM   478 O O   . HIS A 1 62 ? 5.625   5.481   -8.122  1.00 55.06  ? 62  HIS A O   1 
ATOM   479 C CB  . HIS A 1 62 ? 7.470   7.456   -7.854  1.00 54.53  ? 62  HIS A CB  1 
ATOM   480 C CG  . HIS A 1 62 ? 8.554   8.462   -7.868  1.00 61.52  ? 62  HIS A CG  1 
ATOM   481 N ND1 . HIS A 1 62 ? 8.755   9.345   -6.842  1.00 68.94  ? 62  HIS A ND1 1 
ATOM   482 C CD2 . HIS A 1 62 ? 9.522   8.711   -8.774  1.00 68.77  ? 62  HIS A CD2 1 
ATOM   483 C CE1 . HIS A 1 62 ? 9.788   10.112  -7.127  1.00 65.98  ? 62  HIS A CE1 1 
ATOM   484 N NE2 . HIS A 1 62 ? 10.261  9.761   -8.304  1.00 63.95  ? 62  HIS A NE2 1 
ATOM   485 N N   . THR A 1 63 ? 7.017   4.095   -9.167  1.00 48.05  ? 63  THR A N   1 
ATOM   486 C CA  . THR A 1 63 ? 6.075   3.042   -9.236  1.00 50.60  ? 63  THR A CA  1 
ATOM   487 C C   . THR A 1 63 ? 6.114   2.176   -8.014  1.00 51.51  ? 63  THR A C   1 
ATOM   488 O O   . THR A 1 63 ? 7.062   2.229   -7.233  1.00 53.77  ? 63  THR A O   1 
ATOM   489 C CB  . THR A 1 63 ? 6.357   2.229   -10.456 1.00 55.89  ? 63  THR A CB  1 
ATOM   490 O OG1 . THR A 1 63 ? 7.711   1.890   -10.392 1.00 62.84  ? 63  THR A OG1 1 
ATOM   491 C CG2 . THR A 1 63 ? 6.181   3.049   -11.699 1.00 53.44  ? 63  THR A CG2 1 
ATOM   492 N N   . VAL A 1 64 ? 5.006   1.463   -7.781  1.00 55.17  ? 64  VAL A N   1 
ATOM   493 C CA  . VAL A 1 64 ? 4.923   0.446   -6.740  1.00 54.20  ? 64  VAL A CA  1 
ATOM   494 C C   . VAL A 1 64 ? 4.151   -0.762  -7.255  1.00 54.53  ? 64  VAL A C   1 
ATOM   495 O O   . VAL A 1 64 ? 3.233   -0.597  -8.029  1.00 50.10  ? 64  VAL A O   1 
ATOM   496 C CB  . VAL A 1 64 ? 4.325   0.920   -5.387  1.00 56.37  ? 64  VAL A CB  1 
ATOM   497 C CG1 . VAL A 1 64 ? 4.054   2.385   -5.362  1.00 61.71  ? 64  VAL A CG1 1 
ATOM   498 C CG2 . VAL A 1 64 ? 3.076   0.173   -5.040  1.00 61.29  ? 64  VAL A CG2 1 
ATOM   499 N N   . LYS A 1 65 ? 4.545   -1.962  -6.811  1.00 55.02  ? 65  LYS A N   1 
ATOM   500 C CA  . LYS A 1 65 ? 3.968   -3.242  -7.294  1.00 51.08  ? 65  LYS A CA  1 
ATOM   501 C C   . LYS A 1 65 ? 3.210   -3.703  -6.102  1.00 51.16  ? 65  LYS A C   1 
ATOM   502 O O   . LYS A 1 65 ? 3.769   -3.683  -4.995  1.00 51.56  ? 65  LYS A O   1 
ATOM   503 C CB  . LYS A 1 65 ? 5.070   -4.252  -7.654  1.00 56.62  ? 65  LYS A CB  1 
ATOM   504 C CG  . LYS A 1 65 ? 4.896   -5.106  -8.935  1.00 67.07  ? 65  LYS A CG  1 
ATOM   505 C CD  . LYS A 1 65 ? 6.207   -5.858  -9.314  1.00 80.84  ? 65  LYS A CD  1 
ATOM   506 C CE  . LYS A 1 65 ? 6.500   -6.026  -10.845 1.00 91.86  ? 65  LYS A CE  1 
ATOM   507 N NZ  . LYS A 1 65 ? 7.935   -6.238  -11.350 1.00 79.11  ? 65  LYS A NZ  1 
ATOM   508 N N   . VAL A 1 66 ? 1.932   -4.035  -6.287  1.00 49.61  ? 66  VAL A N   1 
ATOM   509 C CA  . VAL A 1 66 ? 1.144   -4.661  -5.250  1.00 49.80  ? 66  VAL A CA  1 
ATOM   510 C C   . VAL A 1 66 ? 1.414   -6.138  -5.317  1.00 47.60  ? 66  VAL A C   1 
ATOM   511 O O   . VAL A 1 66 ? 1.162   -6.731  -6.301  1.00 53.68  ? 66  VAL A O   1 
ATOM   512 C CB  . VAL A 1 66 ? -0.353  -4.484  -5.447  1.00 48.11  ? 66  VAL A CB  1 
ATOM   513 C CG1 . VAL A 1 66 ? -1.101  -5.302  -4.461  1.00 46.90  ? 66  VAL A CG1 1 
ATOM   514 C CG2 . VAL A 1 66 ? -0.741  -3.048  -5.270  1.00 53.73  ? 66  VAL A CG2 1 
ATOM   515 N N   . LEU A 1 67 ? 1.928   -6.697  -4.252  1.00 49.38  ? 67  LEU A N   1 
ATOM   516 C CA  . LEU A 1 67 ? 2.243   -8.084  -4.174  1.00 51.23  ? 67  LEU A CA  1 
ATOM   517 C C   . LEU A 1 67 ? 1.054   -8.887  -3.674  1.00 61.70  ? 67  LEU A C   1 
ATOM   518 O O   . LEU A 1 67 ? 0.863   -10.027 -4.064  1.00 67.89  ? 67  LEU A O   1 
ATOM   519 C CB  . LEU A 1 67 ? 3.428   -8.266  -3.238  1.00 51.50  ? 67  LEU A CB  1 
ATOM   520 C CG  . LEU A 1 67 ? 4.691   -7.596  -3.787  1.00 55.55  ? 67  LEU A CG  1 
ATOM   521 C CD1 . LEU A 1 67 ? 5.863   -7.915  -2.896  1.00 55.20  ? 67  LEU A CD1 1 
ATOM   522 C CD2 . LEU A 1 67 ? 5.033   -8.038  -5.194  1.00 53.40  ? 67  LEU A CD2 1 
ATOM   523 N N   . SER A 1 68 ? 0.245   -8.322  -2.798  1.00 63.29  ? 68  SER A N   1 
ATOM   524 C CA  . SER A 1 68 ? -1.017  -8.965  -2.424  1.00 57.72  ? 68  SER A CA  1 
ATOM   525 C C   . SER A 1 68 ? -1.851  -7.990  -1.654  1.00 54.46  ? 68  SER A C   1 
ATOM   526 O O   . SER A 1 68 ? -1.310  -7.017  -1.120  1.00 55.45  ? 68  SER A O   1 
ATOM   527 C CB  . SER A 1 68 ? -0.803  -10.207 -1.556  1.00 67.82  ? 68  SER A CB  1 
ATOM   528 O OG  . SER A 1 68 ? -0.671  -9.879  -0.183  1.00 79.20  ? 68  SER A OG  1 
ATOM   529 N N   . ALA A 1 69 ? -3.155  -8.287  -1.586  1.00 52.72  ? 69  ALA A N   1 
ATOM   530 C CA  . ALA A 1 69 ? -4.147  -7.494  -0.871  1.00 51.63  ? 69  ALA A CA  1 
ATOM   531 C C   . ALA A 1 69 ? -5.306  -8.257  -0.252  1.00 51.07  ? 69  ALA A C   1 
ATOM   532 O O   . ALA A 1 69 ? -5.715  -9.301  -0.728  1.00 57.18  ? 69  ALA A O   1 
ATOM   533 C CB  . ALA A 1 69 ? -4.718  -6.450  -1.790  1.00 55.49  ? 69  ALA A CB  1 
ATOM   534 N N   . SER A 1 70 ? -5.861  -7.653  0.784   1.00 48.53  ? 70  SER A N   1 
ATOM   535 C CA  . SER A 1 70 ? -6.989  -8.194  1.484   1.00 54.24  ? 70  SER A CA  1 
ATOM   536 C C   . SER A 1 70 ? -7.780  -7.033  1.926   1.00 51.23  ? 70  SER A C   1 
ATOM   537 O O   . SER A 1 70 ? -7.272  -5.953  1.940   1.00 61.16  ? 70  SER A O   1 
ATOM   538 C CB  . SER A 1 70 ? -6.489  -8.912  2.713   1.00 60.22  ? 70  SER A CB  1 
ATOM   539 O OG  . SER A 1 70 ? -5.085  -9.002  2.658   1.00 71.21  ? 70  SER A OG  1 
ATOM   540 N N   . SER A 1 71 ? -9.019  -7.217  2.291   1.00 49.43  ? 71  SER A N   1 
ATOM   541 C CA  . SER A 1 71 ? -9.719  -6.100  2.866   1.00 54.91  ? 71  SER A CA  1 
ATOM   542 C C   . SER A 1 71 ? -9.266  -5.998  4.305   1.00 59.56  ? 71  SER A C   1 
ATOM   543 O O   . SER A 1 71 ? -8.648  -6.926  4.839   1.00 59.21  ? 71  SER A O   1 
ATOM   544 C CB  . SER A 1 71 ? -11.241 -6.190  2.726   1.00 59.80  ? 71  SER A CB  1 
ATOM   545 O OG  . SER A 1 71 ? -11.758 -7.217  3.528   1.00 76.38  ? 71  SER A OG  1 
ATOM   546 N N   . TYR A 1 72 ? -9.568  -4.856  4.920   1.00 56.06  ? 72  TYR A N   1 
ATOM   547 C CA  . TYR A 1 72 ? -9.038  -4.505  6.236   1.00 64.30  ? 72  TYR A CA  1 
ATOM   548 C C   . TYR A 1 72 ? -9.803  -5.166  7.354   1.00 65.74  ? 72  TYR A C   1 
ATOM   549 O O   . TYR A 1 72 ? -11.007 -5.163  7.366   1.00 73.94  ? 72  TYR A O   1 
ATOM   550 C CB  . TYR A 1 72 ? -9.076  -2.967  6.440   1.00 65.59  ? 72  TYR A CB  1 
ATOM   551 C CG  . TYR A 1 72 ? -8.586  -2.461  7.803   1.00 71.06  ? 72  TYR A CG  1 
ATOM   552 C CD1 . TYR A 1 72 ? -7.220  -2.545  8.164   1.00 76.21  ? 72  TYR A CD1 1 
ATOM   553 C CD2 . TYR A 1 72 ? -9.484  -1.899  8.747   1.00 77.25  ? 72  TYR A CD2 1 
ATOM   554 C CE1 . TYR A 1 72 ? -6.770  -2.087  9.411   1.00 76.06  ? 72  TYR A CE1 1 
ATOM   555 C CE2 . TYR A 1 72 ? -9.040  -1.440  9.999   1.00 76.05  ? 72  TYR A CE2 1 
ATOM   556 C CZ  . TYR A 1 72 ? -7.681  -1.541  10.330  1.00 79.51  ? 72  TYR A CZ  1 
ATOM   557 O OH  . TYR A 1 72 ? -7.212  -1.111  11.562  1.00 73.72  ? 72  TYR A OH  1 
ATOM   558 N N   . SER A 1 73 ? -9.077  -5.722  8.307   1.00 70.86  ? 73  SER A N   1 
ATOM   559 C CA  . SER A 1 73 ? -9.615  -5.944  9.621   1.00 71.54  ? 73  SER A CA  1 
ATOM   560 C C   . SER A 1 73 ? -8.533  -5.428  10.558  1.00 74.96  ? 73  SER A C   1 
ATOM   561 O O   . SER A 1 73 ? -7.345  -5.509  10.202  1.00 79.06  ? 73  SER A O   1 
ATOM   562 C CB  . SER A 1 73 ? -9.863  -7.422  9.827   1.00 68.93  ? 73  SER A CB  1 
ATOM   563 O OG  . SER A 1 73 ? -8.632  -8.103  9.899   1.00 69.74  ? 73  SER A OG  1 
ATOM   564 N N   . PRO A 1 74 ? -8.921  -4.855  11.720  1.00 79.31  ? 74  PRO A N   1 
ATOM   565 C CA  . PRO A 1 74 ? -8.000  -4.547  12.830  1.00 77.96  ? 74  PRO A CA  1 
ATOM   566 C C   . PRO A 1 74 ? -6.969  -5.656  13.158  1.00 82.02  ? 74  PRO A C   1 
ATOM   567 O O   . PRO A 1 74 ? -5.774  -5.376  13.304  1.00 87.28  ? 74  PRO A O   1 
ATOM   568 C CB  . PRO A 1 74 ? -8.953  -4.377  13.981  1.00 80.35  ? 74  PRO A CB  1 
ATOM   569 C CG  . PRO A 1 74 ? -10.140 -3.722  13.338  1.00 81.76  ? 74  PRO A CG  1 
ATOM   570 C CD  . PRO A 1 74 ? -10.235 -4.228  11.937  1.00 77.74  ? 74  PRO A CD  1 
ATOM   571 N N   . ASP A 1 75 ? -7.418  -6.903  13.246  1.00 86.78  ? 75  ASP A N   1 
ATOM   572 C CA  . ASP A 1 75 ? -6.520  -8.031  13.563  1.00 97.86  ? 75  ASP A CA  1 
ATOM   573 C C   . ASP A 1 75 ? -5.564  -8.364  12.415  1.00 94.66  ? 75  ASP A C   1 
ATOM   574 O O   . ASP A 1 75 ? -4.364  -8.540  12.630  1.00 103.33 ? 75  ASP A O   1 
ATOM   575 C CB  . ASP A 1 75 ? -7.330  -9.300  13.949  1.00 117.60 ? 75  ASP A CB  1 
ATOM   576 C CG  . ASP A 1 75 ? -7.622  -9.411  15.477  1.00 120.71 ? 75  ASP A CG  1 
ATOM   577 O OD1 . ASP A 1 75 ? -8.481  -8.646  16.011  1.00 109.78 ? 75  ASP A OD1 1 
ATOM   578 O OD2 . ASP A 1 75 ? -6.995  -10.298 16.126  1.00 121.28 ? 75  ASP A OD2 1 
ATOM   579 N N   . GLU A 1 76 ? -6.125  -8.464  11.207  1.00 99.43  ? 76  GLU A N   1 
ATOM   580 C CA  . GLU A 1 76 ? -5.383  -8.710  9.957   1.00 83.83  ? 76  GLU A CA  1 
ATOM   581 C C   . GLU A 1 76 ? -4.284  -7.703  9.718   1.00 72.90  ? 76  GLU A C   1 
ATOM   582 O O   . GLU A 1 76 ? -3.276  -8.025  9.105   1.00 71.17  ? 76  GLU A O   1 
ATOM   583 C CB  . GLU A 1 76 ? -6.339  -8.700  8.759   1.00 92.02  ? 76  GLU A CB  1 
ATOM   584 C CG  . GLU A 1 76 ? -5.706  -8.803  7.373   1.00 100.45 ? 76  GLU A CG  1 
ATOM   585 C CD  . GLU A 1 76 ? -5.026  -10.125 7.091   1.00 105.02 ? 76  GLU A CD  1 
ATOM   586 O OE1 . GLU A 1 76 ? -4.786  -10.897 8.036   1.00 106.22 ? 76  GLU A OE1 1 
ATOM   587 O OE2 . GLU A 1 76 ? -4.720  -10.387 5.912   1.00 110.40 ? 76  GLU A OE2 1 
ATOM   588 N N   . TRP A 1 77 ? -4.471  -6.475  10.175  1.00 71.90  ? 77  TRP A N   1 
ATOM   589 C CA  . TRP A 1 77 ? -3.375  -5.540  10.096  1.00 74.01  ? 77  TRP A CA  1 
ATOM   590 C C   . TRP A 1 77 ? -2.264  -6.071  11.013  1.00 78.17  ? 77  TRP A C   1 
ATOM   591 O O   . TRP A 1 77 ? -1.139  -6.233  10.565  1.00 82.82  ? 77  TRP A O   1 
ATOM   592 C CB  . TRP A 1 77 ? -3.786  -4.053  10.330  1.00 70.93  ? 77  TRP A CB  1 
ATOM   593 C CG  . TRP A 1 77 ? -2.889  -3.155  9.533   1.00 74.03  ? 77  TRP A CG  1 
ATOM   594 C CD1 . TRP A 1 77 ? -2.662  -3.180  8.158   1.00 78.76  ? 77  TRP A CD1 1 
ATOM   595 C CD2 . TRP A 1 77 ? -2.035  -2.190  10.042  1.00 72.85  ? 77  TRP A CD2 1 
ATOM   596 N NE1 . TRP A 1 77 ? -1.708  -2.270  7.806   1.00 72.19  ? 77  TRP A NE1 1 
ATOM   597 C CE2 . TRP A 1 77 ? -1.302  -1.648  8.947   1.00 75.78  ? 77  TRP A CE2 1 
ATOM   598 C CE3 . TRP A 1 77 ? -1.804  -1.715  11.310  1.00 80.78  ? 77  TRP A CE3 1 
ATOM   599 C CZ2 . TRP A 1 77 ? -0.385  -0.666  9.103   1.00 84.21  ? 77  TRP A CZ2 1 
ATOM   600 C CZ3 . TRP A 1 77 ? -0.875  -0.729  11.475  1.00 101.86 ? 77  TRP A CZ3 1 
ATOM   601 C CH2 . TRP A 1 77 ? -0.178  -0.203  10.376  1.00 103.97 ? 77  TRP A CH2 1 
ATOM   602 N N   . GLU A 1 78 ? -2.560  -6.446  12.255  1.00 94.12  ? 78  GLU A N   1 
ATOM   603 C CA  . GLU A 1 78 ? -1.484  -6.989  13.095  1.00 94.09  ? 78  GLU A CA  1 
ATOM   604 C C   . GLU A 1 78 ? -0.992  -8.352  12.630  1.00 85.65  ? 78  GLU A C   1 
ATOM   605 O O   . GLU A 1 78 ? 0.201   -8.575  12.592  1.00 99.69  ? 78  GLU A O   1 
ATOM   606 C CB  . GLU A 1 78 ? -1.804  -6.996  14.582  1.00 108.87 ? 78  GLU A CB  1 
ATOM   607 C CG  . GLU A 1 78 ? -0.528  -7.001  15.451  1.00 129.96 ? 78  GLU A CG  1 
ATOM   608 C CD  . GLU A 1 78 ? 0.653   -6.165  14.893  1.00 139.38 ? 78  GLU A CD  1 
ATOM   609 O OE1 . GLU A 1 78 ? 0.448   -5.003  14.472  1.00 148.23 ? 78  GLU A OE1 1 
ATOM   610 O OE2 . GLU A 1 78 ? 1.810   -6.662  14.879  1.00 142.15 ? 78  GLU A OE2 1 
ATOM   611 N N   . ARG A 1 79 ? -1.870  -9.248  12.227  1.00 81.98  ? 79  ARG A N   1 
ATOM   612 C CA  . ARG A 1 79 ? -1.407  -10.427 11.483  1.00 84.12  ? 79  ARG A CA  1 
ATOM   613 C C   . ARG A 1 79 ? -0.372  -10.106 10.381  1.00 89.24  ? 79  ARG A C   1 
ATOM   614 O O   . ARG A 1 79 ? 0.557   -10.884 10.162  1.00 87.27  ? 79  ARG A O   1 
ATOM   615 C CB  . ARG A 1 79 ? -2.585  -11.133 10.824  1.00 98.73  ? 79  ARG A CB  1 
ATOM   616 C CG  . ARG A 1 79 ? -3.282  -12.172 11.690  1.00 110.55 ? 79  ARG A CG  1 
ATOM   617 C CD  . ARG A 1 79 ? -4.278  -13.007 10.883  1.00 114.11 ? 79  ARG A CD  1 
ATOM   618 N NE  . ARG A 1 79 ? -3.641  -13.737 9.776   1.00 121.89 ? 79  ARG A NE  1 
ATOM   619 C CZ  . ARG A 1 79 ? -3.237  -15.014 9.801   1.00 143.20 ? 79  ARG A CZ  1 
ATOM   620 N NH1 . ARG A 1 79 ? -3.383  -15.790 10.882  1.00 153.35 ? 79  ARG A NH1 1 
ATOM   621 N NH2 . ARG A 1 79 ? -2.676  -15.530 8.715   1.00 144.40 ? 79  ARG A NH2 1 
ATOM   622 N N   . GLN A 1 80 ? -0.555  -8.977  9.681   1.00 89.56  ? 80  GLN A N   1 
ATOM   623 C CA  . GLN A 1 80 ? 0.238   -8.616  8.477   1.00 82.07  ? 80  GLN A CA  1 
ATOM   624 C C   . GLN A 1 80 ? 1.468   -7.740  8.748   1.00 81.55  ? 80  GLN A C   1 
ATOM   625 O O   . GLN A 1 80 ? 2.457   -7.784  7.997   1.00 76.43  ? 80  GLN A O   1 
ATOM   626 C CB  . GLN A 1 80 ? -0.664  -7.908  7.477   1.00 83.74  ? 80  GLN A CB  1 
ATOM   627 C CG  . GLN A 1 80 ? -1.242  -8.839  6.460   1.00 88.08  ? 80  GLN A CG  1 
ATOM   628 C CD  . GLN A 1 80 ? -0.125  -9.501  5.690   1.00 93.26  ? 80  GLN A CD  1 
ATOM   629 O OE1 . GLN A 1 80 ? 0.773   -8.834  5.156   1.00 101.07 ? 80  GLN A OE1 1 
ATOM   630 N NE2 . GLN A 1 80 ? -0.151  -10.817 5.655   1.00 99.14  ? 80  GLN A NE2 1 
ATOM   631 N N   . CYS A 1 81 ? 1.384   -6.941  9.816   1.00 83.47  ? 81  CYS A N   1 
ATOM   632 C CA  . CYS A 1 81 ? 2.527   -6.216  10.371  1.00 91.27  ? 81  CYS A CA  1 
ATOM   633 C C   . CYS A 1 81 ? 3.493   -7.138  11.160  1.00 109.97 ? 81  CYS A C   1 
ATOM   634 O O   . CYS A 1 81 ? 4.524   -6.670  11.666  1.00 114.34 ? 81  CYS A O   1 
ATOM   635 C CB  . CYS A 1 81 ? 2.043   -5.027  11.227  1.00 98.57  ? 81  CYS A CB  1 
ATOM   636 S SG  . CYS A 1 81 ? 1.602   -3.528  10.257  1.00 110.13 ? 81  CYS A SG  1 
ATOM   637 N N   . LYS A 1 82 ? 3.141   -8.431  11.262  1.00 126.66 ? 82  LYS A N   1 
ATOM   638 C CA  . LYS A 1 82 ? 4.060   -9.537  11.664  1.00 121.08 ? 82  LYS A CA  1 
ATOM   639 C C   . LYS A 1 82 ? 4.943   -10.067 10.495  1.00 119.05 ? 82  LYS A C   1 
ATOM   640 O O   . LYS A 1 82 ? 6.174   -9.954  10.544  1.00 109.15 ? 82  LYS A O   1 
ATOM   641 C CB  . LYS A 1 82 ? 3.273   -10.709 12.303  1.00 112.13 ? 82  LYS A CB  1 
ATOM   642 C CG  . LYS A 1 82 ? 2.692   -10.402 13.678  1.00 105.75 ? 82  LYS A CG  1 
ATOM   643 C CD  . LYS A 1 82 ? 2.048   -11.615 14.339  1.00 103.28 ? 82  LYS A CD  1 
ATOM   644 C CE  . LYS A 1 82 ? 1.007   -11.192 15.376  1.00 107.51 ? 82  LYS A CE  1 
ATOM   645 N NZ  . LYS A 1 82 ? 1.434   -10.060 16.257  1.00 103.80 ? 82  LYS A NZ  1 
ATOM   646 N N   . VAL A 1 83 ? 4.313   -10.642 9.462   1.00 126.05 ? 83  VAL A N   1 
ATOM   647 C CA  . VAL A 1 83 ? 5.031   -11.113 8.257   1.00 130.00 ? 83  VAL A CA  1 
ATOM   648 C C   . VAL A 1 83 ? 5.963   -10.016 7.706   1.00 138.86 ? 83  VAL A C   1 
ATOM   649 O O   . VAL A 1 83 ? 7.013   -10.334 7.130   1.00 148.39 ? 83  VAL A O   1 
ATOM   650 C CB  . VAL A 1 83 ? 4.086   -11.636 7.117   1.00 128.01 ? 83  VAL A CB  1 
ATOM   651 C CG1 . VAL A 1 83 ? 3.156   -12.741 7.602   1.00 119.12 ? 83  VAL A CG1 1 
ATOM   652 C CG2 . VAL A 1 83 ? 3.274   -10.508 6.475   1.00 135.72 ? 83  VAL A CG2 1 
ATOM   653 N N   . ALA A 1 84 ? 5.564   -8.746  7.895   1.00 137.05 ? 84  ALA A N   1 
ATOM   654 C CA  . ALA A 1 84 ? 6.317   -7.554  7.438   1.00 140.44 ? 84  ALA A CA  1 
ATOM   655 C C   . ALA A 1 84 ? 7.748   -7.434  8.009   1.00 162.79 ? 84  ALA A C   1 
ATOM   656 O O   . ALA A 1 84 ? 8.733   -7.554  7.261   1.00 185.04 ? 84  ALA A O   1 
ATOM   657 C CB  . ALA A 1 84 ? 5.529   -6.277  7.732   1.00 123.10 ? 84  ALA A CB  1 
ATOM   658 N N   . GLY A 1 85 ? 7.860   -7.183  9.314   1.00 163.19 ? 85  GLY A N   1 
ATOM   659 C CA  . GLY A 1 85 ? 9.168   -7.049  9.972   1.00 156.84 ? 85  GLY A CA  1 
ATOM   660 C C   . GLY A 1 85 ? 9.918   -8.371  10.069  1.00 152.29 ? 85  GLY A C   1 
ATOM   661 O O   . GLY A 1 85 ? 10.786  -8.674  9.240   1.00 135.53 ? 85  GLY A O   1 
HETATM 662 O O   . HOH B 2 .  ? 8.749   11.737  -11.568 1.00 64.58  ? 101 HOH A O   1 
HETATM 663 O O   . HOH B 2 .  ? -3.672  -3.586  -18.242 1.00 84.02  ? 102 HOH A O   1 
HETATM 664 O O   . HOH B 2 .  ? -7.334  -0.114  -8.215  1.00 62.89  ? 103 HOH A O   1 
HETATM 665 O O   . HOH B 2 .  ? -9.168  5.608   -10.541 1.00 84.60  ? 104 HOH A O   1 
HETATM 666 O O   . HOH B 2 .  ? 2.909   12.095  5.579   1.00 66.77  ? 105 HOH A O   1 
HETATM 667 O O   . HOH B 2 .  ? 4.028   -11.837 4.129   1.00 88.76  ? 106 HOH A O   1 
HETATM 668 O O   . HOH B 2 .  ? -2.192  -8.751  2.510   1.00 66.81  ? 107 HOH A O   1 
# 
